data_3WNK
#
_entry.id   3WNK
#
_cell.length_a   106.437
_cell.length_b   106.437
_cell.length_c   160.625
_cell.angle_alpha   90.00
_cell.angle_beta   90.00
_cell.angle_gamma   120.00
#
_symmetry.space_group_name_H-M   'P 31 2 1'
#
loop_
_entity.id
_entity.type
_entity.pdbx_description
1 polymer 'Cycloisomaltooligosaccharide glucanotransferase'
2 non-polymer 'CADMIUM ION'
3 non-polymer 'CALCIUM ION'
4 non-polymer 'SODIUM ION'
5 non-polymer 'ACETATE ION'
6 non-polymer GLYCEROL
7 water water
#
_entity_poly.entity_id   1
_entity_poly.type   'polypeptide(L)'
_entity_poly.pdbx_seq_one_letter_code
;MGSSHHHHHHSSGLVPRGSHMSGSGGIERVFTDKARYNPGDAVSIRVQAKNGTGSSWSGAARLEIFHLENSVYTSSQSLS
LTNGQSTTLTFTWTAPSTDFRGYFVRIDAGTLGQGATAIDVSSDFTKYPRYGYISEFESGETALESKAKVDQLAQDYHIN
AWQFYDWMWRHDKMIKRTGGSIDSTWLDLFNREISWSTLQNQIDAVHDVNGKAMAYAMIYASRENYSPLGISPTWGIYED
SSHTNQFDVDFGDGSTYLYMFDPQNPNWQNYIHAEYIDSINTAGFDGIHVDQMGQRSNVYDYNGNSIDLSTRFSPFLDQA
KSVLSANNPARDNLTYNIVDGTVNGWAVNDVSKNADLDFLYSEIWYLSDSYNQLKNYIEQLRANGGNKAVVLAAYMNYAD
NAGTRYEAESASMTNVSTNTNHAGYTGSGFVDQFASTGDKVSFAINAPEAGDYSLVFRYGNNTGANSTLNLYVDGNFVQK
LYFFNQSSWGTWKHDAWYQVPLTQGAHTVELRYESGNVGAVNLDSLTLGTFDEHSVRLADAMMSASGATHIELGDDNQML
PHEYYPNRSKTMRSSLKNAMKDHYNFITAYENLLFDSDVVPNDTGSQFVNLTGVSASGDGSANTVWYINKRTSDYNIVHL
INLLGNDNQWRNTASQPSFQTNLPAKIYIGADETISDVYLASPDLSGGETQELAFTSGTDAGGKYVSFTVPELKYWNMIY
M
;
_entity_poly.pdbx_strand_id   A
#
loop_
_chem_comp.id
_chem_comp.type
_chem_comp.name
_chem_comp.formula
ACT non-polymer 'ACETATE ION' 'C2 H3 O2 -1'
CA non-polymer 'CALCIUM ION' 'Ca 2'
CD non-polymer 'CADMIUM ION' 'Cd 2'
GOL non-polymer GLYCEROL 'C3 H8 O3'
NA non-polymer 'SODIUM ION' 'Na 1'
#
# COMPACT_ATOMS: atom_id res chain seq x y z
N HIS A 10 -48.76 -20.84 -16.56
CA HIS A 10 -48.70 -19.75 -15.53
C HIS A 10 -47.49 -19.86 -14.64
N SER A 11 -46.39 -19.27 -15.08
CA SER A 11 -45.15 -19.31 -14.32
C SER A 11 -44.28 -18.11 -14.63
N SER A 12 -43.31 -17.89 -13.75
CA SER A 12 -42.23 -16.95 -14.05
C SER A 12 -41.53 -17.38 -15.35
N GLY A 13 -40.98 -16.41 -16.08
CA GLY A 13 -40.35 -16.67 -17.39
C GLY A 13 -38.84 -16.84 -17.28
N LEU A 14 -38.13 -16.45 -18.34
CA LEU A 14 -36.66 -16.51 -18.39
C LEU A 14 -36.04 -15.32 -17.65
N VAL A 15 -36.81 -14.25 -17.52
CA VAL A 15 -36.41 -13.08 -16.74
C VAL A 15 -37.60 -12.53 -15.94
N PRO A 16 -37.32 -11.74 -14.90
CA PRO A 16 -38.40 -11.05 -14.23
C PRO A 16 -39.10 -10.09 -15.20
N ARG A 17 -40.43 -10.07 -15.16
CA ARG A 17 -41.21 -9.13 -15.94
C ARG A 17 -41.84 -8.13 -14.98
N GLY A 18 -41.57 -6.86 -15.22
CA GLY A 18 -42.12 -5.77 -14.41
C GLY A 18 -41.50 -4.42 -14.72
N SER A 19 -41.75 -3.44 -13.87
CA SER A 19 -41.37 -2.07 -14.15
C SER A 19 -40.14 -1.59 -13.37
N HIS A 20 -39.53 -2.49 -12.60
CA HIS A 20 -38.42 -2.13 -11.72
C HIS A 20 -37.07 -2.65 -12.25
N MET A 21 -36.01 -1.89 -12.00
CA MET A 21 -34.65 -2.24 -12.40
C MET A 21 -33.84 -2.70 -11.19
N SER A 22 -32.81 -3.48 -11.45
CA SER A 22 -31.73 -3.72 -10.48
C SER A 22 -30.38 -3.46 -11.15
N GLY A 23 -29.30 -3.51 -10.38
CA GLY A 23 -27.94 -3.32 -10.90
C GLY A 23 -27.31 -1.98 -10.54
N SER A 24 -28.03 -0.88 -10.82
CA SER A 24 -27.53 0.49 -10.58
C SER A 24 -28.14 1.12 -9.31
N GLY A 25 -27.31 1.86 -8.58
CA GLY A 25 -27.70 2.48 -7.31
C GLY A 25 -27.66 1.51 -6.13
N GLY A 26 -28.73 1.54 -5.33
CA GLY A 26 -28.77 0.83 -4.08
C GLY A 26 -27.91 1.54 -3.04
N ILE A 27 -27.22 0.75 -2.23
CA ILE A 27 -26.31 1.23 -1.23
C ILE A 27 -24.99 1.46 -1.89
N GLU A 28 -24.65 2.72 -2.16
CA GLU A 28 -23.43 3.06 -2.86
C GLU A 28 -22.22 2.97 -1.96
N ARG A 29 -22.30 3.57 -0.77
CA ARG A 29 -21.17 3.59 0.16
C ARG A 29 -21.67 3.53 1.59
N VAL A 30 -20.89 2.81 2.41
CA VAL A 30 -21.05 2.71 3.84
C VAL A 30 -19.68 2.96 4.47
N PHE A 31 -19.62 3.91 5.39
CA PHE A 31 -18.35 4.37 5.94
C PHE A 31 -18.55 5.10 7.26
N THR A 32 -17.44 5.39 7.96
CA THR A 32 -17.46 6.24 9.15
C THR A 32 -16.61 7.49 8.95
N ASP A 33 -16.87 8.51 9.76
CA ASP A 33 -16.17 9.80 9.63
C ASP A 33 -14.70 9.69 10.00
N LYS A 34 -14.37 8.83 10.96
CA LYS A 34 -13.00 8.63 11.40
C LYS A 34 -12.44 7.26 11.04
N ALA A 35 -11.11 7.19 11.01
CA ALA A 35 -10.38 5.96 10.75
C ALA A 35 -10.23 5.08 11.95
N ARG A 36 -10.35 5.66 13.14
CA ARG A 36 -10.10 4.96 14.39
C ARG A 36 -10.88 5.68 15.47
N TYR A 37 -11.33 4.95 16.48
CA TYR A 37 -12.12 5.52 17.56
C TYR A 37 -11.58 5.13 18.94
N ASN A 38 -11.83 5.99 19.93
CA ASN A 38 -11.55 5.67 21.33
C ASN A 38 -12.77 5.09 22.02
N PRO A 39 -12.55 4.23 23.01
CA PRO A 39 -13.69 3.76 23.80
C PRO A 39 -14.62 4.88 24.27
N GLY A 40 -15.92 4.68 24.10
CA GLY A 40 -16.91 5.66 24.56
C GLY A 40 -17.34 6.64 23.50
N ASP A 41 -16.54 6.80 22.42
CA ASP A 41 -16.81 7.78 21.38
C ASP A 41 -18.13 7.50 20.71
N ALA A 42 -18.84 8.56 20.30
CA ALA A 42 -19.96 8.41 19.38
C ALA A 42 -19.40 8.12 18.00
N VAL A 43 -19.95 7.13 17.33
CA VAL A 43 -19.51 6.73 16.00
C VAL A 43 -20.63 7.02 15.01
N SER A 44 -20.38 7.90 14.05
CA SER A 44 -21.32 8.17 12.98
C SER A 44 -21.09 7.19 11.82
N ILE A 45 -22.03 6.27 11.61
CA ILE A 45 -21.97 5.37 10.45
C ILE A 45 -22.84 5.94 9.34
N ARG A 46 -22.21 6.25 8.20
CA ARG A 46 -22.91 6.91 7.10
C ARG A 46 -23.26 5.91 6.00
N VAL A 47 -24.46 6.05 5.44
CA VAL A 47 -24.90 5.20 4.35
C VAL A 47 -25.41 6.08 3.24
N GLN A 48 -24.73 6.03 2.12
CA GLN A 48 -25.09 6.79 0.96
C GLN A 48 -25.91 5.87 0.04
N ALA A 49 -27.19 6.23 -0.11
CA ALA A 49 -28.17 5.39 -0.79
C ALA A 49 -28.70 6.10 -2.00
N LYS A 50 -28.99 5.33 -3.04
CA LYS A 50 -29.55 5.89 -4.27
C LYS A 50 -30.61 4.94 -4.82
N ASN A 51 -31.76 5.51 -5.13
CA ASN A 51 -32.90 4.74 -5.61
C ASN A 51 -32.90 4.73 -7.11
N GLY A 52 -32.41 3.66 -7.69
CA GLY A 52 -32.45 3.48 -9.13
C GLY A 52 -33.40 2.36 -9.50
N THR A 53 -34.46 2.15 -8.72
CA THR A 53 -35.38 1.04 -8.97
C THR A 53 -36.40 1.30 -10.08
N GLY A 54 -36.59 2.56 -10.49
CA GLY A 54 -37.59 2.88 -11.53
C GLY A 54 -38.91 3.37 -10.95
N SER A 55 -39.03 3.37 -9.62
CA SER A 55 -40.16 3.99 -8.92
C SER A 55 -39.71 4.41 -7.52
N SER A 56 -40.63 5.05 -6.79
CA SER A 56 -40.38 5.36 -5.39
C SER A 56 -40.08 4.08 -4.65
N TRP A 57 -39.34 4.22 -3.56
CA TRP A 57 -38.98 3.11 -2.69
C TRP A 57 -39.20 3.53 -1.27
N SER A 58 -39.63 2.61 -0.41
CA SER A 58 -39.71 2.86 1.03
C SER A 58 -39.42 1.59 1.77
N GLY A 59 -38.97 1.71 3.00
CA GLY A 59 -38.62 0.55 3.83
C GLY A 59 -37.71 0.94 4.98
N ALA A 60 -37.13 -0.09 5.60
CA ALA A 60 -36.18 0.09 6.68
C ALA A 60 -34.75 -0.10 6.20
N ALA A 61 -33.85 0.76 6.66
CA ALA A 61 -32.43 0.51 6.56
C ALA A 61 -32.03 -0.07 7.90
N ARG A 62 -31.38 -1.23 7.87
CA ARG A 62 -31.08 -1.95 9.07
C ARG A 62 -29.56 -2.09 9.28
N LEU A 63 -29.11 -1.75 10.49
CA LEU A 63 -27.72 -1.83 10.87
C LEU A 63 -27.52 -3.03 11.78
N GLU A 64 -26.44 -3.75 11.54
CA GLU A 64 -26.00 -4.77 12.46
C GLU A 64 -24.49 -4.71 12.52
N ILE A 65 -23.97 -4.72 13.74
CA ILE A 65 -22.56 -4.68 14.00
C ILE A 65 -22.18 -5.96 14.71
N PHE A 66 -21.05 -6.54 14.32
CA PHE A 66 -20.54 -7.78 14.88
C PHE A 66 -19.16 -7.57 15.45
N HIS A 67 -18.85 -8.25 16.55
CA HIS A 67 -17.47 -8.45 16.95
C HIS A 67 -17.19 -9.92 16.73
N LEU A 68 -16.33 -10.17 15.74
CA LEU A 68 -16.04 -11.52 15.27
C LEU A 68 -17.35 -12.26 14.97
N GLU A 69 -17.67 -13.36 15.67
CA GLU A 69 -18.87 -14.14 15.33
C GLU A 69 -20.15 -13.62 15.97
N ASN A 70 -20.04 -12.74 16.97
CA ASN A 70 -21.21 -12.27 17.72
C ASN A 70 -21.77 -10.92 17.27
N SER A 71 -23.07 -10.91 17.01
CA SER A 71 -23.83 -9.68 16.82
C SER A 71 -23.84 -8.91 18.14
N VAL A 72 -23.35 -7.68 18.15
CA VAL A 72 -23.29 -6.87 19.37
C VAL A 72 -24.19 -5.64 19.33
N TYR A 73 -24.74 -5.30 18.16
CA TYR A 73 -25.63 -4.15 18.05
C TYR A 73 -26.52 -4.27 16.83
N THR A 74 -27.77 -3.85 16.99
CA THR A 74 -28.70 -3.80 15.90
C THR A 74 -29.53 -2.52 15.99
N SER A 75 -29.93 -1.98 14.85
CA SER A 75 -30.71 -0.77 14.84
C SER A 75 -31.32 -0.58 13.50
N SER A 76 -32.34 0.25 13.44
CA SER A 76 -33.11 0.35 12.22
C SER A 76 -33.73 1.73 12.11
N GLN A 77 -33.84 2.26 10.89
CA GLN A 77 -34.56 3.49 10.68
C GLN A 77 -35.28 3.43 9.36
N SER A 78 -36.36 4.19 9.26
CA SER A 78 -37.20 4.16 8.08
C SER A 78 -36.65 5.13 7.08
N LEU A 79 -36.95 4.89 5.81
CA LEU A 79 -36.36 5.61 4.70
C LEU A 79 -37.37 5.63 3.57
N SER A 80 -37.46 6.73 2.87
CA SER A 80 -38.25 6.76 1.66
C SER A 80 -37.59 7.67 0.62
N LEU A 81 -37.63 7.24 -0.63
CA LEU A 81 -36.93 7.90 -1.73
C LEU A 81 -37.78 7.91 -2.99
N THR A 82 -37.89 9.07 -3.64
CA THR A 82 -38.48 9.16 -4.96
C THR A 82 -37.54 8.51 -5.96
N ASN A 83 -38.04 8.19 -7.16
CA ASN A 83 -37.20 7.51 -8.14
C ASN A 83 -36.06 8.43 -8.54
N GLY A 84 -34.84 7.92 -8.46
CA GLY A 84 -33.66 8.69 -8.80
C GLY A 84 -33.05 9.44 -7.63
N GLN A 85 -33.71 9.41 -6.47
CA GLN A 85 -33.29 10.22 -5.34
C GLN A 85 -32.16 9.57 -4.57
N SER A 86 -31.23 10.41 -4.11
CA SER A 86 -30.11 10.00 -3.27
C SER A 86 -30.26 10.62 -1.89
N THR A 87 -29.77 9.91 -0.88
CA THR A 87 -29.68 10.48 0.45
C THR A 87 -28.54 9.84 1.20
N THR A 88 -28.08 10.51 2.26
CA THR A 88 -27.12 9.93 3.15
C THR A 88 -27.77 9.74 4.53
N LEU A 89 -27.88 8.49 4.97
CA LEU A 89 -28.37 8.20 6.31
C LEU A 89 -27.22 8.15 7.25
N THR A 90 -27.51 8.36 8.53
CA THR A 90 -26.55 8.13 9.59
C THR A 90 -27.12 7.20 10.67
N PHE A 91 -26.30 6.26 11.13
CA PHE A 91 -26.56 5.51 12.35
C PHE A 91 -25.49 5.91 13.34
N THR A 92 -25.88 6.12 14.59
CA THR A 92 -24.96 6.50 15.62
C THR A 92 -24.80 5.36 16.60
N TRP A 93 -23.57 5.07 16.96
CA TRP A 93 -23.25 3.97 17.84
C TRP A 93 -22.25 4.50 18.83
N THR A 94 -21.89 3.67 19.79
CA THR A 94 -20.92 4.01 20.81
C THR A 94 -19.82 2.98 20.74
N ALA A 95 -18.58 3.44 20.65
CA ALA A 95 -17.45 2.52 20.67
C ALA A 95 -17.45 1.80 22.01
N PRO A 96 -17.55 0.47 22.02
CA PRO A 96 -17.60 -0.22 23.31
C PRO A 96 -16.35 -0.01 24.15
N SER A 97 -16.48 -0.21 25.46
CA SER A 97 -15.44 0.11 26.43
C SER A 97 -14.16 -0.71 26.32
N THR A 98 -14.22 -1.91 25.75
CA THR A 98 -13.00 -2.72 25.67
C THR A 98 -12.09 -2.21 24.56
N ASP A 99 -10.93 -1.72 24.94
CA ASP A 99 -10.00 -1.09 24.02
C ASP A 99 -9.41 -2.13 23.07
N PHE A 100 -8.99 -1.67 21.90
CA PHE A 100 -8.28 -2.52 20.93
C PHE A 100 -9.12 -3.64 20.36
N ARG A 101 -10.22 -3.27 19.71
CA ARG A 101 -11.14 -4.23 19.13
C ARG A 101 -11.67 -3.78 17.79
N GLY A 102 -11.80 -4.74 16.88
CA GLY A 102 -12.27 -4.51 15.54
C GLY A 102 -13.67 -5.06 15.38
N TYR A 103 -14.49 -4.38 14.58
CA TYR A 103 -15.88 -4.76 14.36
C TYR A 103 -16.27 -4.75 12.87
N PHE A 104 -17.22 -5.63 12.51
CA PHE A 104 -17.77 -5.67 11.16
C PHE A 104 -19.16 -5.02 11.16
N VAL A 105 -19.42 -4.22 10.14
CA VAL A 105 -20.65 -3.46 10.04
C VAL A 105 -21.40 -3.86 8.78
N ARG A 106 -22.65 -4.28 8.95
CA ARG A 106 -23.53 -4.65 7.84
C ARG A 106 -24.72 -3.69 7.78
N ILE A 107 -25.01 -3.21 6.59
CA ILE A 107 -26.19 -2.43 6.34
C ILE A 107 -27.06 -3.21 5.34
N ASP A 108 -28.33 -3.43 5.68
CA ASP A 108 -29.26 -4.08 4.76
C ASP A 108 -30.44 -3.15 4.54
N ALA A 109 -30.73 -2.81 3.29
CA ALA A 109 -31.88 -2.00 2.95
C ALA A 109 -32.80 -2.71 1.96
N GLY A 110 -33.06 -3.99 2.22
CA GLY A 110 -34.01 -4.75 1.39
C GLY A 110 -33.69 -4.70 -0.10
N THR A 111 -34.68 -4.40 -0.90
CA THR A 111 -34.56 -4.28 -2.36
C THR A 111 -33.54 -3.25 -2.84
N LEU A 112 -33.15 -2.34 -1.96
CA LEU A 112 -32.18 -1.32 -2.31
C LEU A 112 -30.77 -1.90 -2.18
N GLY A 113 -30.64 -3.02 -1.49
CA GLY A 113 -29.38 -3.75 -1.44
C GLY A 113 -28.72 -3.71 -0.08
N GLN A 114 -27.43 -4.05 -0.06
CA GLN A 114 -26.63 -4.20 1.14
C GLN A 114 -25.31 -3.44 1.04
N GLY A 115 -24.68 -3.23 2.19
CA GLY A 115 -23.37 -2.60 2.28
C GLY A 115 -22.63 -3.02 3.53
N ALA A 116 -21.36 -2.64 3.61
CA ALA A 116 -20.56 -2.99 4.76
C ALA A 116 -19.40 -2.02 4.98
N THR A 117 -18.93 -1.95 6.22
CA THR A 117 -17.71 -1.25 6.56
C THR A 117 -17.16 -1.95 7.81
N ALA A 118 -16.14 -1.37 8.42
CA ALA A 118 -15.57 -1.94 9.61
C ALA A 118 -15.22 -0.78 10.54
N ILE A 119 -15.03 -1.07 11.82
CA ILE A 119 -14.71 -0.05 12.81
C ILE A 119 -13.60 -0.57 13.71
N ASP A 120 -12.62 0.29 13.96
CA ASP A 120 -11.50 -0.01 14.83
C ASP A 120 -11.56 0.86 16.10
N VAL A 121 -11.77 0.23 17.25
CA VAL A 121 -11.73 0.92 18.53
C VAL A 121 -10.37 0.66 19.20
N SER A 122 -9.49 1.65 19.11
CA SER A 122 -8.11 1.54 19.57
C SER A 122 -7.65 2.93 19.99
N SER A 123 -7.22 3.08 21.24
CA SER A 123 -6.84 4.37 21.78
C SER A 123 -5.46 4.80 21.30
N ASP A 124 -4.73 3.85 20.74
CA ASP A 124 -3.37 4.07 20.29
C ASP A 124 -3.21 3.34 18.97
N PHE A 125 -3.01 4.09 17.89
CA PHE A 125 -2.95 3.49 16.55
C PHE A 125 -1.81 2.50 16.32
N THR A 126 -0.79 2.52 17.19
CA THR A 126 0.41 1.74 16.96
C THR A 126 0.19 0.24 17.12
N LYS A 127 -0.89 -0.18 17.74
CA LYS A 127 -1.20 -1.59 17.82
C LYS A 127 -1.74 -2.12 16.50
N TYR A 128 -2.61 -1.34 15.84
CA TYR A 128 -3.17 -1.77 14.56
C TYR A 128 -3.01 -0.63 13.54
N PRO A 129 -1.76 -0.39 13.10
CA PRO A 129 -1.55 0.64 12.10
C PRO A 129 -2.05 0.20 10.73
N ARG A 130 -2.66 1.13 10.01
CA ARG A 130 -3.05 0.98 8.62
C ARG A 130 -2.43 2.20 7.93
N TYR A 131 -1.26 1.98 7.33
CA TYR A 131 -0.34 3.04 6.96
C TYR A 131 -0.57 3.39 5.51
N GLY A 132 -0.76 4.68 5.27
CA GLY A 132 -0.84 5.24 3.92
C GLY A 132 0.21 6.32 3.73
N TYR A 133 0.12 7.04 2.62
CA TYR A 133 1.06 8.14 2.36
C TYR A 133 0.44 9.33 1.68
N ILE A 134 1.16 10.45 1.80
CA ILE A 134 0.92 11.68 1.04
C ILE A 134 2.29 12.06 0.47
N SER A 135 2.35 12.32 -0.83
CA SER A 135 3.64 12.60 -1.47
C SER A 135 3.65 13.88 -2.31
N GLU A 136 2.53 14.60 -2.36
CA GLU A 136 2.50 15.88 -3.06
C GLU A 136 1.78 16.96 -2.29
N PHE A 137 2.28 18.17 -2.46
CA PHE A 137 2.04 19.27 -1.54
C PHE A 137 1.91 20.58 -2.31
N GLU A 138 1.29 20.53 -3.49
CA GLU A 138 1.27 21.69 -4.38
C GLU A 138 0.34 22.82 -3.92
N SER A 139 0.73 24.05 -4.24
CA SER A 139 -0.09 25.22 -3.90
C SER A 139 -1.42 25.21 -4.66
N GLY A 140 -1.47 24.54 -5.81
CA GLY A 140 -2.73 24.38 -6.53
C GLY A 140 -3.81 23.56 -5.82
N GLU A 141 -3.43 22.76 -4.84
CA GLU A 141 -4.39 21.94 -4.09
C GLU A 141 -5.12 22.78 -3.05
N THR A 142 -6.44 22.88 -3.18
CA THR A 142 -7.25 23.64 -2.23
C THR A 142 -7.43 22.86 -0.92
N ALA A 143 -7.84 23.57 0.13
CA ALA A 143 -8.08 22.96 1.42
C ALA A 143 -9.11 21.84 1.33
N LEU A 144 -10.15 22.07 0.53
CA LEU A 144 -11.19 21.06 0.32
C LEU A 144 -10.64 19.82 -0.37
N GLU A 145 -9.74 20.01 -1.32
CA GLU A 145 -9.13 18.87 -2.00
C GLU A 145 -8.17 18.07 -1.09
N SER A 146 -7.40 18.74 -0.25
CA SER A 146 -6.58 18.05 0.75
C SER A 146 -7.47 17.20 1.62
N LYS A 147 -8.57 17.79 2.05
CA LYS A 147 -9.50 17.14 2.94
C LYS A 147 -10.17 15.95 2.23
N ALA A 148 -10.60 16.16 0.99
CA ALA A 148 -11.24 15.11 0.21
C ALA A 148 -10.33 13.88 0.05
N LYS A 149 -9.05 14.09 -0.21
CA LYS A 149 -8.16 12.96 -0.46
C LYS A 149 -7.81 12.19 0.81
N VAL A 150 -7.65 12.89 1.92
CA VAL A 150 -7.49 12.23 3.22
C VAL A 150 -8.78 11.47 3.60
N ASP A 151 -9.92 12.14 3.48
CA ASP A 151 -11.21 11.53 3.82
C ASP A 151 -11.47 10.26 3.01
N GLN A 152 -11.14 10.26 1.73
CA GLN A 152 -11.38 9.08 0.93
C GLN A 152 -10.55 7.88 1.42
N LEU A 153 -9.27 8.06 1.71
CA LEU A 153 -8.45 6.93 2.20
C LEU A 153 -8.94 6.48 3.55
N ALA A 154 -9.28 7.43 4.42
CA ALA A 154 -9.83 7.10 5.73
C ALA A 154 -11.14 6.29 5.63
N GLN A 155 -12.05 6.73 4.79
CA GLN A 155 -13.36 6.12 4.71
C GLN A 155 -13.33 4.74 4.06
N ASP A 156 -12.59 4.63 2.96
CA ASP A 156 -12.59 3.43 2.13
C ASP A 156 -11.64 2.32 2.62
N TYR A 157 -10.55 2.69 3.31
CA TYR A 157 -9.59 1.70 3.78
C TYR A 157 -9.24 1.81 5.26
N HIS A 158 -9.84 2.77 5.97
CA HIS A 158 -9.57 2.98 7.39
C HIS A 158 -8.10 3.28 7.70
N ILE A 159 -7.45 3.95 6.75
CA ILE A 159 -6.06 4.37 6.93
C ILE A 159 -6.01 5.26 8.15
N ASN A 160 -5.10 4.98 9.07
CA ASN A 160 -5.03 5.74 10.34
C ASN A 160 -3.68 6.42 10.58
N ALA A 161 -2.79 6.29 9.61
CA ALA A 161 -1.51 6.96 9.63
C ALA A 161 -1.04 7.21 8.22
N TRP A 162 -0.48 8.39 7.99
CA TRP A 162 0.02 8.77 6.68
C TRP A 162 1.48 9.15 6.80
N GLN A 163 2.29 8.54 5.95
CA GLN A 163 3.70 8.92 5.83
C GLN A 163 3.75 10.04 4.82
N PHE A 164 4.23 11.19 5.27
CA PHE A 164 4.39 12.35 4.43
C PHE A 164 5.77 12.30 3.80
N TYR A 165 5.81 12.04 2.51
CA TYR A 165 7.03 11.72 1.82
C TYR A 165 7.56 12.90 1.01
N ASP A 166 8.84 13.23 1.19
CA ASP A 166 9.51 14.33 0.49
C ASP A 166 8.75 15.65 0.63
N TRP A 167 8.34 15.95 1.86
CA TRP A 167 7.72 17.22 2.21
C TRP A 167 8.78 18.27 2.59
N MET A 168 9.97 17.80 2.95
CA MET A 168 10.99 18.66 3.58
C MET A 168 11.74 19.49 2.57
N TRP A 169 12.29 20.61 3.00
CA TRP A 169 13.09 21.43 2.09
C TRP A 169 14.40 20.73 1.81
N ARG A 170 15.22 20.56 2.85
CA ARG A 170 16.45 19.76 2.79
C ARG A 170 16.39 18.65 3.86
N HIS A 171 17.01 17.52 3.57
CA HIS A 171 17.14 16.47 4.60
C HIS A 171 17.72 16.92 5.93
N ASP A 172 18.52 17.98 5.92
CA ASP A 172 19.16 18.51 7.12
C ASP A 172 18.61 19.86 7.60
N LYS A 173 17.65 20.40 6.86
CA LYS A 173 16.93 21.64 7.25
C LYS A 173 15.53 21.50 6.68
N MET A 174 14.64 20.98 7.51
CA MET A 174 13.40 20.41 7.03
C MET A 174 12.32 21.43 6.68
N ILE A 175 12.27 22.50 7.47
CA ILE A 175 11.40 23.64 7.17
C ILE A 175 12.30 24.80 6.72
N LYS A 176 11.94 25.42 5.60
CA LYS A 176 12.74 26.51 5.06
C LYS A 176 12.29 27.83 5.64
N ARG A 177 13.22 28.51 6.30
CA ARG A 177 13.02 29.84 6.80
C ARG A 177 14.00 30.80 6.15
N THR A 178 13.52 32.01 5.91
CA THR A 178 14.32 33.14 5.44
C THR A 178 14.17 34.26 6.48
N GLY A 179 15.28 34.59 7.13
CA GLY A 179 15.27 35.61 8.17
C GLY A 179 14.30 35.29 9.30
N GLY A 180 14.26 34.03 9.72
CA GLY A 180 13.33 33.62 10.80
C GLY A 180 11.87 33.42 10.38
N SER A 181 11.51 33.87 9.18
CA SER A 181 10.16 33.71 8.63
C SER A 181 10.06 32.44 7.77
N ILE A 182 9.03 31.63 7.98
CA ILE A 182 8.84 30.44 7.17
C ILE A 182 8.48 30.84 5.77
N ASP A 183 9.20 30.30 4.78
CA ASP A 183 8.86 30.53 3.39
C ASP A 183 7.53 29.85 3.04
N SER A 184 6.71 30.51 2.23
CA SER A 184 5.38 30.04 1.94
C SER A 184 5.42 28.82 1.00
N THR A 185 6.43 28.76 0.14
CA THR A 185 6.70 27.59 -0.65
C THR A 185 8.20 27.36 -0.66
N TRP A 186 8.60 26.12 -0.95
CA TRP A 186 9.99 25.78 -1.16
C TRP A 186 10.16 24.66 -2.16
N LEU A 187 11.37 24.57 -2.72
CA LEU A 187 11.66 23.57 -3.74
C LEU A 187 12.45 22.44 -3.13
N ASP A 188 11.95 21.21 -3.31
CA ASP A 188 12.61 20.03 -2.79
C ASP A 188 13.79 19.63 -3.67
N LEU A 189 14.46 18.55 -3.29
CA LEU A 189 15.67 18.13 -3.99
C LEU A 189 15.46 17.87 -5.50
N PHE A 190 14.23 17.65 -5.94
CA PHE A 190 13.93 17.43 -7.36
C PHE A 190 13.17 18.61 -7.96
N ASN A 191 13.27 19.77 -7.31
CA ASN A 191 12.61 21.00 -7.73
C ASN A 191 11.08 20.94 -7.77
N ARG A 192 10.46 20.08 -6.97
CA ARG A 192 9.02 20.15 -6.81
C ARG A 192 8.72 21.30 -5.86
N GLU A 193 7.60 21.98 -6.10
CA GLU A 193 7.15 23.05 -5.22
C GLU A 193 6.36 22.45 -4.08
N ILE A 194 6.80 22.69 -2.86
CA ILE A 194 6.09 22.29 -1.65
C ILE A 194 5.40 23.54 -1.09
N SER A 195 4.09 23.47 -0.86
CA SER A 195 3.33 24.58 -0.26
C SER A 195 3.15 24.37 1.24
N TRP A 196 3.58 25.35 2.02
CA TRP A 196 3.44 25.30 3.48
C TRP A 196 1.96 25.29 3.89
N SER A 197 1.13 26.04 3.16
CA SER A 197 -0.31 26.01 3.38
C SER A 197 -0.93 24.63 3.07
N THR A 198 -0.60 24.07 1.91
CA THR A 198 -1.13 22.76 1.53
C THR A 198 -0.69 21.69 2.56
N LEU A 199 0.57 21.74 3.00
CA LEU A 199 1.09 20.75 3.92
C LEU A 199 0.29 20.78 5.21
N GLN A 200 0.09 21.98 5.76
CA GLN A 200 -0.66 22.10 7.02
C GLN A 200 -2.12 21.75 6.84
N ASN A 201 -2.71 22.08 5.71
CA ASN A 201 -4.09 21.67 5.43
C ASN A 201 -4.24 20.15 5.44
N GLN A 202 -3.29 19.44 4.85
CA GLN A 202 -3.30 17.98 4.82
C GLN A 202 -3.12 17.40 6.21
N ILE A 203 -2.17 17.93 6.96
CA ILE A 203 -1.93 17.49 8.36
C ILE A 203 -3.18 17.66 9.23
N ASP A 204 -3.82 18.83 9.16
CA ASP A 204 -5.07 19.03 9.84
C ASP A 204 -6.15 18.03 9.40
N ALA A 205 -6.27 17.79 8.09
CA ALA A 205 -7.25 16.87 7.60
C ALA A 205 -7.00 15.45 8.12
N VAL A 206 -5.73 15.05 8.20
CA VAL A 206 -5.36 13.78 8.82
C VAL A 206 -5.81 13.74 10.28
N HIS A 207 -5.55 14.81 11.03
CA HIS A 207 -6.04 14.85 12.42
C HIS A 207 -7.57 14.76 12.54
N ASP A 208 -8.29 15.42 11.64
CA ASP A 208 -9.75 15.40 11.69
C ASP A 208 -10.40 14.00 11.51
N VAL A 209 -9.68 13.02 10.94
CA VAL A 209 -10.19 11.64 10.87
C VAL A 209 -9.55 10.76 11.95
N ASN A 210 -8.99 11.39 12.97
CA ASN A 210 -8.24 10.71 14.03
C ASN A 210 -7.00 9.97 13.53
N GLY A 211 -6.44 10.45 12.43
CA GLY A 211 -5.21 9.91 11.94
C GLY A 211 -3.98 10.59 12.46
N LYS A 212 -2.85 9.94 12.21
CA LYS A 212 -1.54 10.44 12.56
C LYS A 212 -0.74 10.77 11.30
N ALA A 213 -0.01 11.87 11.36
CA ALA A 213 0.85 12.29 10.30
C ALA A 213 2.32 12.05 10.72
N MET A 214 2.99 11.15 10.00
CA MET A 214 4.39 10.81 10.23
C MET A 214 5.28 11.51 9.21
N ALA A 215 6.24 12.29 9.70
CA ALA A 215 7.14 13.06 8.83
C ALA A 215 8.28 12.19 8.36
N TYR A 216 8.41 12.04 7.06
CA TYR A 216 9.56 11.35 6.51
C TYR A 216 10.82 12.12 6.86
N ALA A 217 11.85 11.41 7.27
CA ALA A 217 13.20 11.95 7.46
C ALA A 217 14.21 10.82 7.36
N MET A 218 15.45 11.18 7.10
CA MET A 218 16.54 10.21 7.07
C MET A 218 17.17 10.16 8.43
N ILE A 219 17.81 9.03 8.73
CA ILE A 219 18.56 8.85 9.99
C ILE A 219 19.92 9.57 9.98
N TYR A 220 20.51 9.71 8.80
CA TYR A 220 21.90 10.11 8.69
C TYR A 220 22.28 10.91 7.45
N ALA A 221 21.36 11.71 6.93
CA ALA A 221 21.59 12.42 5.66
C ALA A 221 21.56 13.93 5.79
N SER A 222 22.60 14.56 5.28
CA SER A 222 22.61 15.99 5.04
C SER A 222 22.50 16.16 3.55
N ARG A 223 22.22 17.36 3.10
CA ARG A 223 22.33 17.68 1.67
C ARG A 223 23.74 18.23 1.39
N GLU A 224 24.01 18.59 0.14
CA GLU A 224 25.28 19.25 -0.20
C GLU A 224 25.42 20.58 0.53
N ASN A 225 26.68 20.95 0.77
CA ASN A 225 26.99 22.20 1.45
C ASN A 225 26.48 22.29 2.87
N TYR A 226 26.78 21.26 3.65
CA TYR A 226 26.24 21.13 5.00
C TYR A 226 26.99 21.91 6.08
N SER A 227 28.27 22.22 5.84
CA SER A 227 29.08 22.98 6.85
C SER A 227 28.46 24.28 7.37
N PRO A 228 28.01 25.16 6.47
CA PRO A 228 27.39 26.40 6.98
C PRO A 228 26.21 26.19 7.95
N LEU A 229 25.52 25.04 7.87
CA LEU A 229 24.43 24.72 8.79
C LEU A 229 24.92 24.31 10.16
N GLY A 230 26.24 24.18 10.34
CA GLY A 230 26.81 23.79 11.64
C GLY A 230 26.97 22.28 11.80
N ILE A 231 26.98 21.58 10.67
CA ILE A 231 27.18 20.14 10.63
C ILE A 231 28.66 19.90 10.33
N SER A 232 29.32 19.05 11.12
CA SER A 232 30.76 18.80 10.97
C SER A 232 31.04 17.55 10.16
N PRO A 233 32.01 17.64 9.23
CA PRO A 233 32.45 16.43 8.54
C PRO A 233 33.04 15.39 9.48
N THR A 234 33.39 15.79 10.70
CA THR A 234 33.86 14.85 11.71
C THR A 234 32.75 13.97 12.30
N TRP A 235 31.48 14.27 11.98
CA TRP A 235 30.37 13.35 12.34
C TRP A 235 30.06 12.36 11.20
N GLY A 236 30.77 12.46 10.09
CA GLY A 236 30.47 11.67 8.91
C GLY A 236 30.91 10.22 9.01
N ILE A 237 30.38 9.40 8.11
CA ILE A 237 30.90 8.08 7.88
C ILE A 237 31.56 8.10 6.51
N TYR A 238 32.62 7.32 6.36
CA TYR A 238 33.54 7.45 5.24
C TYR A 238 33.87 6.09 4.62
N GLU A 239 34.08 6.10 3.30
CA GLU A 239 34.43 4.91 2.53
C GLU A 239 35.87 4.40 2.76
N ASP A 240 36.67 5.13 3.55
CA ASP A 240 38.09 4.80 3.78
C ASP A 240 38.56 5.32 5.13
N SER A 241 39.75 4.90 5.54
CA SER A 241 40.24 5.21 6.89
C SER A 241 40.90 6.59 6.99
N SER A 242 41.05 7.28 5.85
CA SER A 242 41.66 8.62 5.83
C SER A 242 40.62 9.73 5.61
N HIS A 243 39.34 9.39 5.77
CA HIS A 243 38.22 10.30 5.56
C HIS A 243 38.37 11.14 4.29
N THR A 244 38.59 10.46 3.18
CA THR A 244 38.75 11.12 1.89
C THR A 244 37.38 11.21 1.23
N ASN A 245 36.67 10.08 1.17
CA ASN A 245 35.35 10.01 0.53
C ASN A 245 34.23 9.67 1.52
N GLN A 246 33.42 10.67 1.82
CA GLN A 246 32.22 10.48 2.63
C GLN A 246 31.22 9.63 1.87
N PHE A 247 30.56 8.71 2.57
CA PHE A 247 29.46 8.01 1.92
C PHE A 247 28.46 9.06 1.40
N ASP A 248 27.90 8.83 0.21
CA ASP A 248 27.02 9.79 -0.40
C ASP A 248 26.04 9.16 -1.37
N VAL A 249 25.13 9.97 -1.90
CA VAL A 249 24.18 9.57 -2.92
C VAL A 249 24.22 10.63 -4.01
N ASP A 250 24.36 10.17 -5.26
CA ASP A 250 24.41 11.05 -6.44
C ASP A 250 23.04 11.02 -7.08
N PHE A 251 22.44 12.18 -7.29
CA PHE A 251 21.10 12.23 -7.90
C PHE A 251 21.15 12.52 -9.40
N GLY A 252 22.37 12.64 -9.94
CA GLY A 252 22.57 12.73 -11.39
C GLY A 252 22.36 14.11 -11.99
N ASP A 253 22.88 15.14 -11.31
CA ASP A 253 22.98 16.48 -11.90
C ASP A 253 24.25 17.23 -11.50
N GLY A 254 25.23 16.52 -10.96
CA GLY A 254 26.51 17.10 -10.54
C GLY A 254 26.46 18.20 -9.49
N SER A 255 25.41 18.20 -8.66
CA SER A 255 25.23 19.28 -7.68
C SER A 255 24.44 18.82 -6.45
N THR A 256 23.40 18.04 -6.69
CA THR A 256 22.49 17.59 -5.66
C THR A 256 22.93 16.24 -5.11
N TYR A 257 23.25 16.22 -3.81
CA TYR A 257 23.77 15.03 -3.14
C TYR A 257 23.20 14.93 -1.73
N LEU A 258 23.14 13.69 -1.24
CA LEU A 258 23.07 13.43 0.19
C LEU A 258 24.45 13.00 0.68
N TYR A 259 24.84 13.46 1.87
CA TYR A 259 26.05 12.98 2.53
C TYR A 259 25.65 12.25 3.81
N MET A 260 26.37 11.18 4.12
CA MET A 260 26.01 10.27 5.20
C MET A 260 26.82 10.41 6.48
N PHE A 261 26.12 10.23 7.60
CA PHE A 261 26.64 10.53 8.91
C PHE A 261 26.52 9.34 9.85
N ASP A 262 27.18 9.45 11.00
CA ASP A 262 27.26 8.37 11.98
C ASP A 262 26.10 8.46 12.95
N PRO A 263 25.12 7.55 12.82
CA PRO A 263 23.94 7.62 13.70
C PRO A 263 24.27 7.56 15.18
N GLN A 264 25.42 6.97 15.52
CA GLN A 264 25.82 6.82 16.90
C GLN A 264 26.51 8.06 17.47
N ASN A 265 27.02 8.92 16.61
CA ASN A 265 27.63 10.17 17.03
C ASN A 265 26.59 11.05 17.74
N PRO A 266 26.81 11.36 19.02
CA PRO A 266 25.81 12.17 19.74
C PRO A 266 25.61 13.57 19.18
N ASN A 267 26.61 14.12 18.51
CA ASN A 267 26.48 15.48 18.00
C ASN A 267 25.60 15.52 16.74
N TRP A 268 25.72 14.52 15.87
CA TRP A 268 24.81 14.36 14.75
C TRP A 268 23.39 14.16 15.30
N GLN A 269 23.24 13.26 16.26
CA GLN A 269 21.97 13.03 16.91
C GLN A 269 21.32 14.34 17.32
N ASN A 270 22.07 15.16 18.06
CA ASN A 270 21.50 16.39 18.60
C ASN A 270 21.11 17.35 17.49
N TYR A 271 21.93 17.44 16.45
CA TYR A 271 21.60 18.28 15.31
C TYR A 271 20.29 17.81 14.65
N ILE A 272 20.25 16.57 14.18
CA ILE A 272 19.09 16.11 13.39
C ILE A 272 17.84 15.90 14.25
N HIS A 273 18.01 15.52 15.49
CA HIS A 273 16.86 15.41 16.38
C HIS A 273 16.19 16.77 16.61
N ALA A 274 16.98 17.84 16.66
CA ALA A 274 16.39 19.16 16.77
C ALA A 274 15.56 19.47 15.48
N GLU A 275 15.97 18.96 14.34
CA GLU A 275 15.14 19.10 13.13
C GLU A 275 13.84 18.30 13.24
N TYR A 276 13.92 17.07 13.76
CA TYR A 276 12.73 16.24 14.01
C TYR A 276 11.75 17.01 14.92
N ILE A 277 12.27 17.60 15.99
CA ILE A 277 11.44 18.35 16.96
C ILE A 277 10.81 19.61 16.34
N ASP A 278 11.58 20.33 15.53
CA ASP A 278 11.06 21.48 14.77
C ASP A 278 9.91 21.04 13.83
N SER A 279 10.03 19.87 13.22
CA SER A 279 9.01 19.37 12.32
C SER A 279 7.73 19.05 13.08
N ILE A 280 7.86 18.35 14.21
CA ILE A 280 6.72 18.07 15.05
C ILE A 280 6.02 19.36 15.45
N ASN A 281 6.79 20.32 15.98
CA ASN A 281 6.18 21.48 16.62
C ASN A 281 5.65 22.50 15.63
N THR A 282 6.42 22.76 14.59
CA THR A 282 6.07 23.76 13.60
C THR A 282 5.05 23.30 12.56
N ALA A 283 5.05 22.02 12.19
CA ALA A 283 4.12 21.54 11.17
C ALA A 283 2.94 20.79 11.75
N GLY A 284 3.03 20.31 12.99
CA GLY A 284 1.93 19.59 13.61
C GLY A 284 1.98 18.07 13.44
N PHE A 285 3.15 17.55 13.08
CA PHE A 285 3.30 16.12 12.87
C PHE A 285 3.10 15.37 14.18
N ASP A 286 2.84 14.07 14.07
CA ASP A 286 2.58 13.20 15.24
C ASP A 286 3.77 12.29 15.54
N GLY A 287 4.76 12.29 14.66
CA GLY A 287 5.93 11.46 14.84
C GLY A 287 6.84 11.53 13.64
N ILE A 288 7.89 10.72 13.66
CA ILE A 288 8.87 10.73 12.60
C ILE A 288 9.00 9.33 11.99
N HIS A 289 8.96 9.30 10.66
CA HIS A 289 9.18 8.06 9.92
C HIS A 289 10.61 8.10 9.40
N VAL A 290 11.50 7.38 10.08
CA VAL A 290 12.94 7.49 9.83
C VAL A 290 13.37 6.48 8.78
N ASP A 291 14.05 6.95 7.74
CA ASP A 291 14.50 6.11 6.62
C ASP A 291 16.02 5.95 6.62
N GLN A 292 16.51 5.08 5.75
CA GLN A 292 17.95 4.89 5.52
C GLN A 292 18.15 4.33 4.11
N MET A 293 19.40 4.21 3.67
CA MET A 293 19.74 3.71 2.33
C MET A 293 19.98 2.21 2.33
N GLY A 294 20.10 1.60 3.49
CA GLY A 294 20.35 0.17 3.57
C GLY A 294 21.82 -0.19 3.71
N GLN A 295 22.13 -1.44 3.40
CA GLN A 295 23.45 -2.04 3.65
C GLN A 295 24.62 -1.31 3.01
N ARG A 296 25.52 -0.84 3.85
CA ARG A 296 26.81 -0.32 3.43
C ARG A 296 27.89 -1.09 4.20
N SER A 297 28.82 -1.68 3.43
CA SER A 297 29.94 -2.44 3.96
C SER A 297 31.22 -1.58 3.97
N ASN A 298 32.12 -1.90 4.90
CA ASN A 298 33.42 -1.23 5.05
C ASN A 298 33.26 0.25 5.35
N VAL A 299 32.79 0.51 6.56
CA VAL A 299 32.46 1.86 6.94
C VAL A 299 33.47 2.31 7.96
N TYR A 300 33.94 3.55 7.80
CA TYR A 300 34.83 4.17 8.77
C TYR A 300 34.22 5.46 9.30
N ASP A 301 34.49 5.81 10.56
CA ASP A 301 34.19 7.13 11.09
C ASP A 301 35.26 8.12 10.59
N TYR A 302 35.25 9.36 11.10
CA TYR A 302 36.18 10.38 10.62
C TYR A 302 37.64 10.02 10.95
N ASN A 303 37.86 9.57 12.18
CA ASN A 303 39.20 9.21 12.67
C ASN A 303 39.70 7.83 12.21
N GLY A 304 39.13 7.26 11.15
CA GLY A 304 39.66 6.03 10.53
C GLY A 304 39.37 4.69 11.19
N ASN A 305 38.70 4.70 12.35
CA ASN A 305 38.24 3.46 12.97
C ASN A 305 37.17 2.76 12.13
N SER A 306 37.37 1.46 11.93
CA SER A 306 36.40 0.60 11.28
C SER A 306 35.17 0.43 12.18
N ILE A 307 33.98 0.55 11.58
CA ILE A 307 32.73 0.48 12.36
C ILE A 307 31.67 -0.37 11.67
N ASP A 308 30.88 -1.06 12.47
CA ASP A 308 29.79 -1.88 11.96
C ASP A 308 28.54 -1.00 12.02
N LEU A 309 28.10 -0.56 10.84
CA LEU A 309 26.98 0.38 10.75
C LEU A 309 25.64 -0.26 11.19
N SER A 310 25.53 -1.58 11.01
CA SER A 310 24.31 -2.34 11.32
C SER A 310 23.77 -2.23 12.75
N THR A 311 24.62 -1.86 13.70
CA THR A 311 24.23 -1.83 15.12
C THR A 311 24.18 -0.40 15.65
N ARG A 312 24.40 0.59 14.79
CA ARG A 312 24.46 2.00 15.21
C ARG A 312 23.12 2.75 15.08
N PHE A 313 22.10 2.07 14.58
CA PHE A 313 20.78 2.67 14.44
C PHE A 313 20.03 2.71 15.75
N SER A 314 20.04 1.59 16.47
CA SER A 314 19.34 1.49 17.77
C SER A 314 19.64 2.61 18.76
N PRO A 315 20.92 2.97 18.93
CA PRO A 315 21.19 4.06 19.89
C PRO A 315 20.60 5.39 19.45
N PHE A 316 20.77 5.70 18.17
CA PHE A 316 20.11 6.86 17.55
C PHE A 316 18.60 6.85 17.83
N LEU A 317 17.96 5.72 17.56
CA LEU A 317 16.51 5.63 17.64
C LEU A 317 16.01 5.74 19.09
N ASP A 318 16.70 5.09 20.03
CA ASP A 318 16.40 5.26 21.46
C ASP A 318 16.49 6.70 21.90
N GLN A 319 17.56 7.36 21.50
CA GLN A 319 17.71 8.77 21.81
C GLN A 319 16.60 9.61 21.15
N ALA A 320 16.32 9.34 19.88
CA ALA A 320 15.23 10.01 19.14
C ALA A 320 13.90 9.89 19.87
N LYS A 321 13.53 8.67 20.25
CA LYS A 321 12.28 8.45 21.00
C LYS A 321 12.27 9.30 22.29
N SER A 322 13.40 9.27 23.00
CA SER A 322 13.54 10.02 24.23
C SER A 322 13.34 11.51 24.02
N VAL A 323 13.96 12.11 23.01
CA VAL A 323 13.78 13.57 22.86
C VAL A 323 12.39 13.89 22.32
N LEU A 324 11.80 12.98 21.56
CA LEU A 324 10.42 13.14 21.09
C LEU A 324 9.42 13.10 22.25
N SER A 325 9.58 12.13 23.15
CA SER A 325 8.65 12.00 24.27
C SER A 325 8.75 13.18 25.22
N ALA A 326 9.96 13.71 25.42
CA ALA A 326 10.16 14.87 26.31
C ALA A 326 9.58 16.14 25.68
N ASN A 327 9.72 16.25 24.36
CA ASN A 327 9.16 17.38 23.63
C ASN A 327 7.63 17.42 23.68
N ASN A 328 7.00 16.27 23.41
CA ASN A 328 5.54 16.18 23.40
C ASN A 328 5.10 14.72 23.46
N PRO A 329 4.64 14.27 24.63
CA PRO A 329 4.37 12.83 24.78
C PRO A 329 3.13 12.32 24.04
N ALA A 330 2.29 13.23 23.55
CA ALA A 330 1.13 12.87 22.73
C ALA A 330 1.49 12.72 21.23
N ARG A 331 2.63 13.25 20.82
CA ARG A 331 3.02 13.31 19.42
C ARG A 331 4.49 12.98 19.30
N ASP A 332 4.83 11.76 19.69
CA ASP A 332 6.21 11.29 19.73
C ASP A 332 6.40 9.95 19.04
N ASN A 333 5.57 9.66 18.04
CA ASN A 333 5.62 8.34 17.44
C ASN A 333 6.88 8.18 16.60
N LEU A 334 7.35 6.95 16.51
CA LEU A 334 8.61 6.65 15.81
C LEU A 334 8.60 5.27 15.17
N THR A 335 9.02 5.21 13.91
CA THR A 335 9.37 3.96 13.29
C THR A 335 10.62 4.21 12.47
N TYR A 336 11.20 3.13 11.95
CA TYR A 336 12.45 3.17 11.20
C TYR A 336 12.38 2.14 10.13
N ASN A 337 12.84 2.47 8.93
CA ASN A 337 12.81 1.51 7.85
C ASN A 337 13.97 0.51 7.96
N ILE A 338 13.65 -0.75 8.27
CA ILE A 338 14.61 -1.84 8.13
C ILE A 338 14.64 -2.23 6.66
N VAL A 339 15.60 -1.62 5.96
CA VAL A 339 15.70 -1.74 4.50
C VAL A 339 16.19 -3.12 4.09
N ASP A 340 15.59 -3.67 3.05
CA ASP A 340 15.97 -4.94 2.46
C ASP A 340 15.63 -6.12 3.36
N GLY A 341 14.40 -6.15 3.85
CA GLY A 341 13.97 -7.12 4.82
C GLY A 341 14.09 -8.59 4.41
N THR A 342 14.68 -9.38 5.32
CA THR A 342 14.73 -10.84 5.17
C THR A 342 15.15 -11.39 6.54
N VAL A 343 14.89 -12.69 6.78
CA VAL A 343 15.32 -13.36 8.04
C VAL A 343 16.81 -13.14 8.26
N ASN A 344 17.18 -12.62 9.44
CA ASN A 344 18.59 -12.36 9.79
C ASN A 344 19.29 -11.39 8.85
N GLY A 345 18.51 -10.53 8.21
CA GLY A 345 19.08 -9.59 7.25
C GLY A 345 19.88 -8.51 7.91
N TRP A 346 20.60 -7.77 7.11
CA TRP A 346 21.38 -6.65 7.59
C TRP A 346 20.56 -5.71 8.47
N ALA A 347 21.05 -5.54 9.71
CA ALA A 347 20.46 -4.68 10.72
C ALA A 347 19.12 -5.14 11.29
N VAL A 348 18.63 -6.29 10.83
CA VAL A 348 17.31 -6.75 11.22
C VAL A 348 17.20 -7.02 12.71
N ASN A 349 18.13 -7.82 13.22
CA ASN A 349 18.05 -8.29 14.61
C ASN A 349 18.27 -7.15 15.59
N ASP A 350 19.30 -6.34 15.35
CA ASP A 350 19.58 -5.25 16.29
C ASP A 350 18.43 -4.22 16.34
N VAL A 351 17.89 -3.85 15.19
CA VAL A 351 16.80 -2.86 15.19
C VAL A 351 15.55 -3.41 15.87
N SER A 352 15.09 -4.58 15.44
CA SER A 352 13.81 -5.10 15.90
C SER A 352 13.87 -5.46 17.36
N LYS A 353 15.05 -5.90 17.83
CA LYS A 353 15.24 -6.23 19.25
C LYS A 353 15.52 -5.03 20.12
N ASN A 354 16.35 -4.11 19.62
CA ASN A 354 16.89 -3.09 20.52
C ASN A 354 16.44 -1.64 20.29
N ALA A 355 15.75 -1.33 19.19
CA ALA A 355 15.31 0.06 18.97
C ALA A 355 13.99 0.34 19.66
N ASP A 356 13.91 1.48 20.35
CA ASP A 356 12.65 1.91 20.98
C ASP A 356 11.62 2.47 19.95
N LEU A 357 11.13 1.60 19.08
CA LEU A 357 10.19 1.95 18.01
C LEU A 357 8.77 1.60 18.43
N ASP A 358 7.79 2.35 17.93
CA ASP A 358 6.38 2.13 18.30
C ASP A 358 5.76 1.01 17.48
N PHE A 359 6.19 0.90 16.24
CA PHE A 359 5.90 -0.27 15.42
C PHE A 359 7.08 -0.47 14.49
N LEU A 360 7.09 -1.61 13.82
CA LEU A 360 8.19 -1.95 12.94
C LEU A 360 7.78 -1.76 11.49
N TYR A 361 8.75 -1.39 10.67
CA TYR A 361 8.52 -1.14 9.25
C TYR A 361 9.71 -1.70 8.49
N SER A 362 9.44 -2.36 7.37
CA SER A 362 10.51 -2.89 6.56
C SER A 362 10.16 -2.83 5.09
N GLU A 363 11.08 -2.28 4.32
CA GLU A 363 11.01 -2.32 2.87
C GLU A 363 11.66 -3.59 2.34
N ILE A 364 10.87 -4.38 1.62
CA ILE A 364 11.32 -5.63 1.09
C ILE A 364 11.87 -5.42 -0.32
N TRP A 365 13.13 -5.78 -0.51
CA TRP A 365 13.68 -5.87 -1.85
C TRP A 365 13.68 -7.31 -2.33
N TYR A 366 14.84 -7.94 -2.52
CA TYR A 366 14.87 -9.21 -3.25
C TYR A 366 15.45 -10.38 -2.44
N LEU A 367 15.38 -10.28 -1.11
CA LEU A 367 15.88 -11.33 -0.23
C LEU A 367 14.76 -12.16 0.43
N SER A 368 13.50 -11.87 0.10
CA SER A 368 12.34 -12.61 0.62
C SER A 368 11.30 -12.86 -0.47
N ASP A 369 11.72 -13.37 -1.62
CA ASP A 369 10.89 -13.41 -2.81
C ASP A 369 9.67 -14.31 -2.77
N SER A 370 9.71 -15.39 -2.00
CA SER A 370 8.56 -16.29 -1.94
C SER A 370 7.65 -15.87 -0.80
N TYR A 371 6.40 -16.26 -0.90
CA TYR A 371 5.44 -15.98 0.16
C TYR A 371 5.93 -16.48 1.50
N ASN A 372 6.44 -17.71 1.52
CA ASN A 372 6.88 -18.32 2.80
C ASN A 372 8.10 -17.66 3.39
N GLN A 373 9.05 -17.28 2.55
CA GLN A 373 10.19 -16.49 3.02
C GLN A 373 9.78 -15.19 3.67
N LEU A 374 8.82 -14.49 3.05
CA LEU A 374 8.37 -13.21 3.61
C LEU A 374 7.60 -13.45 4.91
N LYS A 375 6.81 -14.53 4.95
CA LYS A 375 6.12 -14.91 6.19
C LYS A 375 7.09 -15.14 7.34
N ASN A 376 8.19 -15.85 7.08
CA ASN A 376 9.21 -16.06 8.11
C ASN A 376 9.85 -14.75 8.57
N TYR A 377 10.09 -13.83 7.65
CA TYR A 377 10.63 -12.54 8.04
C TYR A 377 9.65 -11.80 8.97
N ILE A 378 8.38 -11.78 8.59
CA ILE A 378 7.35 -11.13 9.41
C ILE A 378 7.36 -11.75 10.80
N GLU A 379 7.37 -13.08 10.86
CA GLU A 379 7.35 -13.78 12.16
C GLU A 379 8.58 -13.50 13.01
N GLN A 380 9.74 -13.33 12.38
CA GLN A 380 10.93 -12.95 13.12
C GLN A 380 10.84 -11.54 13.69
N LEU A 381 10.26 -10.63 12.92
CA LEU A 381 10.08 -9.27 13.40
C LEU A 381 9.12 -9.25 14.56
N ARG A 382 8.04 -10.01 14.45
CA ARG A 382 7.06 -10.10 15.54
C ARG A 382 7.72 -10.68 16.82
N ALA A 383 8.55 -11.70 16.66
CA ALA A 383 9.18 -12.34 17.82
C ALA A 383 10.22 -11.42 18.42
N ASN A 384 11.09 -10.86 17.59
CA ASN A 384 12.11 -9.93 18.11
C ASN A 384 11.54 -8.67 18.75
N GLY A 385 10.46 -8.16 18.16
CA GLY A 385 9.93 -6.86 18.57
C GLY A 385 8.95 -6.94 19.71
N GLY A 386 8.72 -8.15 20.24
CA GLY A 386 7.84 -8.32 21.38
C GLY A 386 6.40 -8.11 20.96
N ASN A 387 6.07 -8.64 19.78
CA ASN A 387 4.74 -8.53 19.21
C ASN A 387 4.31 -7.10 18.82
N LYS A 388 5.28 -6.20 18.63
CA LYS A 388 5.00 -4.92 17.98
C LYS A 388 4.42 -5.18 16.58
N ALA A 389 3.55 -4.27 16.14
CA ALA A 389 2.97 -4.33 14.79
C ALA A 389 4.05 -4.26 13.71
N VAL A 390 3.78 -4.90 12.58
CA VAL A 390 4.71 -4.90 11.45
C VAL A 390 4.04 -4.34 10.21
N VAL A 391 4.68 -3.35 9.60
CA VAL A 391 4.21 -2.77 8.34
C VAL A 391 5.29 -2.99 7.29
N LEU A 392 4.90 -3.49 6.11
CA LEU A 392 5.85 -3.70 5.02
C LEU A 392 5.62 -2.76 3.86
N ALA A 393 6.71 -2.23 3.32
CA ALA A 393 6.70 -1.59 2.03
C ALA A 393 7.19 -2.63 1.06
N ALA A 394 6.31 -3.00 0.14
CA ALA A 394 6.55 -4.12 -0.75
C ALA A 394 5.90 -3.79 -2.09
N TYR A 395 6.66 -3.16 -2.96
CA TYR A 395 6.09 -2.48 -4.13
C TYR A 395 5.66 -3.52 -5.15
N MET A 396 4.35 -3.62 -5.32
CA MET A 396 3.77 -4.64 -6.17
C MET A 396 4.02 -4.42 -7.67
N ASN A 397 4.29 -5.53 -8.35
CA ASN A 397 4.55 -5.56 -9.79
C ASN A 397 5.71 -4.64 -10.18
N TYR A 398 6.63 -4.44 -9.25
CA TYR A 398 7.71 -3.46 -9.39
C TYR A 398 8.47 -3.52 -10.70
N ALA A 399 8.83 -4.71 -11.15
CA ALA A 399 9.62 -4.80 -12.38
C ALA A 399 8.79 -5.06 -13.63
N ASP A 400 7.49 -5.31 -13.48
CA ASP A 400 6.66 -5.71 -14.60
C ASP A 400 6.06 -4.50 -15.31
N ASN A 401 6.21 -4.47 -16.63
CA ASN A 401 5.51 -3.49 -17.47
C ASN A 401 4.10 -4.01 -17.69
N ALA A 402 3.33 -4.04 -16.60
CA ALA A 402 2.00 -4.66 -16.59
C ALA A 402 0.95 -3.67 -17.09
N GLY A 403 -0.11 -4.18 -17.71
CA GLY A 403 -1.17 -3.37 -18.30
C GLY A 403 -1.44 -3.72 -19.76
N THR A 404 -2.47 -3.11 -20.32
CA THR A 404 -2.84 -3.30 -21.72
C THR A 404 -1.74 -2.72 -22.62
N ARG A 405 -1.26 -3.53 -23.56
CA ARG A 405 -0.14 -3.14 -24.41
C ARG A 405 -0.56 -2.81 -25.84
N TYR A 406 -0.03 -1.70 -26.34
CA TYR A 406 -0.15 -1.27 -27.74
C TYR A 406 1.25 -1.21 -28.39
N GLU A 407 1.51 -2.05 -29.38
CA GLU A 407 2.84 -2.07 -30.00
C GLU A 407 3.05 -0.83 -30.89
N ALA A 408 4.26 -0.25 -30.82
CA ALA A 408 4.53 0.98 -31.57
C ALA A 408 4.51 0.73 -33.09
N GLU A 409 5.01 -0.43 -33.48
CA GLU A 409 5.05 -0.85 -34.88
C GLU A 409 3.67 -1.23 -35.46
N SER A 410 2.68 -1.46 -34.60
CA SER A 410 1.29 -1.69 -35.04
C SER A 410 0.48 -0.39 -35.00
N ALA A 411 1.11 0.71 -34.60
CA ALA A 411 0.41 2.00 -34.45
C ALA A 411 0.47 2.81 -35.76
N SER A 412 -0.02 4.03 -35.72
CA SER A 412 0.03 4.93 -36.88
C SER A 412 1.35 5.69 -36.84
N MET A 413 2.15 5.51 -37.90
CA MET A 413 3.52 5.99 -37.98
C MET A 413 3.72 7.05 -39.08
N THR A 414 4.43 8.13 -38.75
CA THR A 414 4.71 9.18 -39.71
C THR A 414 6.20 9.52 -39.69
N ASN A 415 6.86 9.27 -40.84
CA ASN A 415 8.28 9.60 -41.06
C ASN A 415 9.22 8.86 -40.10
N VAL A 416 8.83 7.63 -39.77
CA VAL A 416 9.70 6.73 -39.03
C VAL A 416 9.68 5.38 -39.72
N SER A 417 10.30 4.37 -39.09
CA SER A 417 10.40 3.04 -39.68
C SER A 417 10.26 2.00 -38.60
N THR A 418 10.20 0.72 -38.98
CA THR A 418 10.23 -0.37 -38.02
C THR A 418 11.47 -1.22 -38.25
N ASN A 419 11.82 -2.02 -37.26
CA ASN A 419 13.02 -2.86 -37.32
C ASN A 419 12.97 -4.01 -36.31
N THR A 420 14.00 -4.85 -36.34
CA THR A 420 14.09 -6.02 -35.49
C THR A 420 15.51 -6.27 -34.99
N ASN A 421 16.40 -5.29 -35.15
CA ASN A 421 17.85 -5.51 -35.00
C ASN A 421 18.40 -5.48 -33.56
N HIS A 422 17.61 -5.00 -32.60
CA HIS A 422 17.95 -5.07 -31.18
C HIS A 422 16.98 -6.01 -30.49
N ALA A 423 17.50 -7.17 -30.07
CA ALA A 423 16.72 -8.20 -29.38
C ALA A 423 16.07 -7.71 -28.08
N GLY A 424 14.99 -8.36 -27.70
CA GLY A 424 14.27 -8.02 -26.47
C GLY A 424 13.01 -7.16 -26.62
N TYR A 425 12.70 -6.73 -27.86
CA TYR A 425 11.43 -6.01 -28.16
C TYR A 425 10.24 -6.93 -27.97
N THR A 426 9.06 -6.39 -27.73
CA THR A 426 7.83 -7.22 -27.71
C THR A 426 7.17 -7.13 -29.07
N GLY A 427 6.30 -8.08 -29.41
CA GLY A 427 5.62 -8.06 -30.70
C GLY A 427 6.53 -8.37 -31.88
N SER A 428 6.28 -7.74 -33.01
CA SER A 428 6.98 -8.10 -34.26
C SER A 428 8.26 -7.28 -34.46
N GLY A 429 8.41 -6.18 -33.71
CA GLY A 429 9.61 -5.39 -33.82
C GLY A 429 9.51 -4.15 -32.97
N PHE A 430 10.00 -3.03 -33.48
CA PHE A 430 9.93 -1.75 -32.80
C PHE A 430 10.07 -0.62 -33.81
N VAL A 431 9.80 0.61 -33.38
CA VAL A 431 9.95 1.77 -34.23
C VAL A 431 11.36 2.35 -34.06
N ASP A 432 12.03 2.58 -35.19
CA ASP A 432 13.29 3.31 -35.21
C ASP A 432 13.21 4.49 -36.20
N GLN A 433 14.35 5.13 -36.47
CA GLN A 433 14.39 6.34 -37.30
C GLN A 433 13.34 7.33 -36.81
N PHE A 434 13.33 7.53 -35.49
CA PHE A 434 12.43 8.43 -34.82
C PHE A 434 13.37 9.47 -34.23
N ALA A 435 13.81 10.38 -35.10
CA ALA A 435 14.89 11.29 -34.76
C ALA A 435 14.83 12.69 -35.40
N SER A 436 13.76 13.01 -36.12
CA SER A 436 13.70 14.31 -36.81
C SER A 436 12.30 14.96 -36.82
N THR A 437 12.28 16.28 -36.90
CA THR A 437 11.04 17.07 -36.87
C THR A 437 10.01 16.56 -37.87
N GLY A 438 8.75 16.52 -37.45
CA GLY A 438 7.67 15.91 -38.23
C GLY A 438 7.47 14.41 -38.01
N ASP A 439 8.37 13.76 -37.28
CA ASP A 439 8.19 12.32 -36.98
C ASP A 439 7.10 12.14 -35.91
N LYS A 440 6.24 11.15 -36.10
CA LYS A 440 5.16 10.91 -35.14
C LYS A 440 4.88 9.43 -34.98
N VAL A 441 4.49 9.05 -33.76
CA VAL A 441 3.81 7.78 -33.56
C VAL A 441 2.54 8.07 -32.75
N SER A 442 1.41 7.57 -33.26
CA SER A 442 0.09 7.82 -32.66
C SER A 442 -0.60 6.52 -32.37
N PHE A 443 -0.93 6.32 -31.09
CA PHE A 443 -1.56 5.09 -30.62
C PHE A 443 -3.04 5.33 -30.41
N ALA A 444 -3.84 4.39 -30.91
CA ALA A 444 -5.28 4.44 -30.79
C ALA A 444 -5.67 3.49 -29.67
N ILE A 445 -5.97 4.06 -28.50
CA ILE A 445 -6.20 3.28 -27.30
C ILE A 445 -7.64 3.36 -26.86
N ASN A 446 -8.02 2.45 -25.96
CA ASN A 446 -9.33 2.44 -25.34
C ASN A 446 -9.24 2.41 -23.81
N ALA A 447 -9.87 3.39 -23.17
CA ALA A 447 -10.07 3.41 -21.73
C ALA A 447 -11.41 2.73 -21.37
N PRO A 448 -11.34 1.54 -20.72
CA PRO A 448 -12.59 0.82 -20.43
C PRO A 448 -13.50 1.47 -19.38
N GLU A 449 -12.97 2.40 -18.57
CA GLU A 449 -13.74 3.16 -17.59
C GLU A 449 -13.08 4.51 -17.43
N ALA A 450 -13.82 5.51 -16.97
CA ALA A 450 -13.23 6.81 -16.69
C ALA A 450 -12.24 6.70 -15.53
N GLY A 451 -11.19 7.52 -15.56
CA GLY A 451 -10.20 7.56 -14.47
C GLY A 451 -8.80 7.88 -14.97
N ASP A 452 -7.82 7.76 -14.07
CA ASP A 452 -6.41 8.01 -14.38
C ASP A 452 -5.78 6.83 -15.09
N TYR A 453 -4.99 7.12 -16.12
CA TYR A 453 -4.26 6.09 -16.87
C TYR A 453 -2.78 6.42 -16.86
N SER A 454 -1.95 5.42 -16.58
CA SER A 454 -0.48 5.56 -16.64
C SER A 454 -0.01 5.22 -18.05
N LEU A 455 0.52 6.21 -18.78
CA LEU A 455 1.01 5.98 -20.13
C LEU A 455 2.47 5.64 -19.99
N VAL A 456 2.82 4.39 -20.28
CA VAL A 456 4.16 3.89 -20.04
C VAL A 456 4.79 3.47 -21.37
N PHE A 457 5.93 4.08 -21.68
CA PHE A 457 6.60 3.87 -22.94
C PHE A 457 7.83 3.00 -22.74
N ARG A 458 7.93 1.96 -23.54
CA ARG A 458 9.12 1.13 -23.54
C ARG A 458 9.98 1.53 -24.72
N TYR A 459 11.22 1.90 -24.42
CA TYR A 459 12.08 2.54 -25.39
C TYR A 459 13.53 2.08 -25.28
N GLY A 460 14.32 2.40 -26.30
CA GLY A 460 15.78 2.31 -26.27
C GLY A 460 16.35 3.68 -26.59
N ASN A 461 17.55 3.95 -26.10
CA ASN A 461 18.27 5.20 -26.37
C ASN A 461 19.74 5.11 -25.96
N ASN A 462 20.63 5.01 -26.95
CA ASN A 462 22.08 5.03 -26.72
C ASN A 462 22.73 6.14 -27.56
N THR A 463 22.09 7.32 -27.57
CA THR A 463 22.63 8.48 -28.26
C THR A 463 23.65 9.25 -27.43
N GLY A 464 23.83 8.87 -26.17
CA GLY A 464 24.81 9.53 -25.29
C GLY A 464 24.25 10.70 -24.49
N ALA A 465 22.98 11.03 -24.70
CA ALA A 465 22.28 11.98 -23.83
C ALA A 465 20.77 11.73 -23.83
N ASN A 466 20.05 12.43 -22.94
CA ASN A 466 18.60 12.39 -22.93
C ASN A 466 18.04 12.72 -24.30
N SER A 467 17.08 11.91 -24.76
CA SER A 467 16.24 12.24 -25.89
C SER A 467 14.88 12.72 -25.39
N THR A 468 14.20 13.54 -26.19
CA THR A 468 12.90 14.04 -25.80
C THR A 468 11.89 13.96 -26.94
N LEU A 469 10.63 13.76 -26.57
CA LEU A 469 9.52 13.72 -27.51
C LEU A 469 8.39 14.48 -26.88
N ASN A 470 7.52 15.03 -27.72
CA ASN A 470 6.38 15.75 -27.20
C ASN A 470 5.20 14.82 -27.16
N LEU A 471 4.62 14.69 -25.97
CA LEU A 471 3.44 13.86 -25.76
C LEU A 471 2.15 14.66 -25.98
N TYR A 472 1.25 14.08 -26.76
CA TYR A 472 -0.03 14.66 -27.06
C TYR A 472 -1.10 13.65 -26.73
N VAL A 473 -2.20 14.12 -26.13
CA VAL A 473 -3.39 13.29 -25.90
C VAL A 473 -4.61 13.93 -26.54
N ASP A 474 -5.27 13.18 -27.41
CA ASP A 474 -6.46 13.65 -28.13
C ASP A 474 -6.19 14.98 -28.84
N GLY A 475 -5.03 15.07 -29.48
CA GLY A 475 -4.62 16.27 -30.20
C GLY A 475 -4.06 17.42 -29.37
N ASN A 476 -4.15 17.34 -28.05
CA ASN A 476 -3.66 18.42 -27.21
C ASN A 476 -2.30 18.07 -26.61
N PHE A 477 -1.39 19.03 -26.68
CA PHE A 477 -0.05 18.88 -26.10
C PHE A 477 -0.21 18.74 -24.60
N VAL A 478 0.58 17.84 -24.01
CA VAL A 478 0.50 17.55 -22.59
C VAL A 478 1.84 17.84 -21.92
N GLN A 479 2.91 17.20 -22.37
CA GLN A 479 4.25 17.45 -21.83
C GLN A 479 5.39 16.93 -22.70
N LYS A 480 6.54 17.59 -22.59
CA LYS A 480 7.78 17.07 -23.16
C LYS A 480 8.24 15.93 -22.25
N LEU A 481 8.41 14.74 -22.83
CA LEU A 481 8.92 13.57 -22.11
C LEU A 481 10.42 13.32 -22.36
N TYR A 482 11.12 12.87 -21.32
CA TYR A 482 12.55 12.55 -21.42
C TYR A 482 12.75 11.03 -21.43
N PHE A 483 13.59 10.57 -22.36
CA PHE A 483 13.89 9.17 -22.55
C PHE A 483 15.39 9.04 -22.29
N PHE A 484 15.74 8.34 -21.22
CA PHE A 484 17.08 8.45 -20.67
C PHE A 484 18.08 7.66 -21.50
N ASN A 485 19.31 8.13 -21.52
CA ASN A 485 20.40 7.43 -22.20
C ASN A 485 20.79 6.14 -21.48
N GLN A 486 20.92 5.07 -22.24
CA GLN A 486 21.30 3.77 -21.74
C GLN A 486 22.73 3.50 -22.18
N SER A 487 23.29 2.38 -21.73
CA SER A 487 24.68 2.03 -22.06
C SER A 487 24.81 1.38 -23.44
N SER A 488 23.79 0.64 -23.87
CA SER A 488 23.72 0.11 -25.23
C SER A 488 22.32 0.23 -25.82
N TRP A 489 22.22 0.08 -27.14
CA TRP A 489 20.93 0.14 -27.85
C TRP A 489 20.08 -1.11 -27.59
N GLY A 490 20.72 -2.17 -27.11
CA GLY A 490 20.02 -3.39 -26.74
C GLY A 490 19.34 -3.30 -25.39
N THR A 491 19.55 -2.20 -24.67
CA THR A 491 18.93 -2.01 -23.35
C THR A 491 17.57 -1.33 -23.49
N TRP A 492 16.50 -2.10 -23.25
CA TRP A 492 15.14 -1.60 -23.24
C TRP A 492 14.73 -1.18 -21.83
N LYS A 493 14.15 0.01 -21.70
CA LYS A 493 13.60 0.48 -20.44
C LYS A 493 12.15 0.94 -20.64
N HIS A 494 11.40 0.99 -19.53
CA HIS A 494 10.05 1.55 -19.54
C HIS A 494 9.83 2.50 -18.36
N ASP A 495 10.83 3.32 -18.09
CA ASP A 495 10.77 4.29 -16.98
C ASP A 495 10.40 5.68 -17.49
N ALA A 496 9.80 5.76 -18.69
CA ALA A 496 9.25 7.02 -19.22
C ALA A 496 7.74 6.87 -19.21
N TRP A 497 7.08 7.74 -18.45
CA TRP A 497 5.66 7.58 -18.15
C TRP A 497 5.00 8.93 -17.82
N TYR A 498 3.70 8.99 -18.09
CA TYR A 498 2.86 10.14 -17.78
C TYR A 498 1.49 9.62 -17.36
N GLN A 499 0.97 10.08 -16.24
CA GLN A 499 -0.38 9.65 -15.80
C GLN A 499 -1.38 10.75 -16.12
N VAL A 500 -2.47 10.37 -16.79
CA VAL A 500 -3.42 11.33 -17.35
C VAL A 500 -4.86 10.88 -17.09
N PRO A 501 -5.76 11.84 -16.77
CA PRO A 501 -7.17 11.48 -16.62
C PRO A 501 -7.82 11.32 -17.97
N LEU A 502 -8.61 10.26 -18.12
CA LEU A 502 -9.30 9.97 -19.36
C LEU A 502 -10.76 9.61 -19.09
N THR A 503 -11.63 10.07 -19.99
CA THR A 503 -13.03 9.66 -20.01
C THR A 503 -13.07 8.26 -20.58
N GLN A 504 -14.12 7.52 -20.29
CA GLN A 504 -14.30 6.19 -20.89
C GLN A 504 -14.35 6.30 -22.40
N GLY A 505 -13.79 5.31 -23.09
CA GLY A 505 -13.82 5.23 -24.56
C GLY A 505 -12.51 5.49 -25.29
N ALA A 506 -12.63 5.84 -26.58
CA ALA A 506 -11.49 5.96 -27.47
C ALA A 506 -10.70 7.23 -27.19
N HIS A 507 -9.38 7.10 -27.24
CA HIS A 507 -8.49 8.24 -27.18
C HIS A 507 -7.30 7.99 -28.09
N THR A 508 -6.56 9.06 -28.31
CA THR A 508 -5.36 9.08 -29.12
C THR A 508 -4.19 9.48 -28.20
N VAL A 509 -3.11 8.70 -28.26
CA VAL A 509 -1.90 9.07 -27.53
C VAL A 509 -0.73 9.08 -28.50
N GLU A 510 -0.03 10.19 -28.54
CA GLU A 510 0.88 10.47 -29.64
C GLU A 510 2.20 11.00 -29.10
N LEU A 511 3.30 10.47 -29.63
CA LEU A 511 4.60 11.10 -29.41
C LEU A 511 5.06 11.75 -30.71
N ARG A 512 5.41 13.02 -30.63
CA ARG A 512 5.81 13.80 -31.80
C ARG A 512 7.21 14.40 -31.59
N TYR A 513 8.05 14.28 -32.61
CA TYR A 513 9.35 14.93 -32.61
C TYR A 513 9.12 16.29 -33.24
N GLU A 514 9.32 17.35 -32.46
CA GLU A 514 9.06 18.70 -32.93
C GLU A 514 10.28 19.56 -32.70
N SER A 515 10.20 20.79 -33.22
CA SER A 515 11.20 21.80 -32.96
C SER A 515 11.45 21.88 -31.46
N GLY A 516 12.71 21.80 -31.04
CA GLY A 516 13.07 21.84 -29.63
C GLY A 516 13.25 20.46 -29.00
N ASN A 517 12.79 19.41 -29.69
CA ASN A 517 13.11 18.04 -29.26
C ASN A 517 14.48 17.64 -29.74
N VAL A 518 15.18 16.83 -28.95
CA VAL A 518 16.55 16.42 -29.25
C VAL A 518 16.70 14.90 -29.22
N GLY A 519 17.78 14.43 -29.84
CA GLY A 519 18.16 13.02 -29.75
C GLY A 519 17.34 12.11 -30.64
N ALA A 520 17.19 10.88 -30.19
CA ALA A 520 16.37 9.88 -30.86
C ALA A 520 16.03 8.78 -29.88
N VAL A 521 14.97 8.05 -30.18
CA VAL A 521 14.59 6.90 -29.37
C VAL A 521 14.17 5.78 -30.30
N ASN A 522 14.37 4.54 -29.84
CA ASN A 522 13.67 3.41 -30.38
C ASN A 522 12.44 3.22 -29.50
N LEU A 523 11.28 3.07 -30.13
CA LEU A 523 10.01 3.01 -29.40
C LEU A 523 9.42 1.64 -29.60
N ASP A 524 9.31 0.90 -28.50
CA ASP A 524 8.84 -0.48 -28.57
C ASP A 524 7.33 -0.52 -28.47
N SER A 525 6.77 0.18 -27.50
CA SER A 525 5.36 0.06 -27.18
C SER A 525 4.88 1.10 -26.21
N LEU A 526 3.56 1.15 -26.08
CA LEU A 526 2.87 1.92 -25.07
C LEU A 526 2.06 0.94 -24.25
N THR A 527 2.16 1.05 -22.93
CA THR A 527 1.37 0.23 -22.04
C THR A 527 0.58 1.12 -21.10
N LEU A 528 -0.67 0.72 -20.81
CA LEU A 528 -1.50 1.39 -19.83
C LEU A 528 -1.17 0.81 -18.47
N GLY A 529 -0.28 1.49 -17.74
CA GLY A 529 0.31 0.91 -16.53
C GLY A 529 -0.73 0.58 -15.47
N THR A 530 -0.89 -0.69 -15.17
CA THR A 530 -1.97 -1.13 -14.33
C THR A 530 -1.49 -2.13 -13.27
N PHE A 531 -1.77 -1.86 -12.01
CA PHE A 531 -1.55 -2.88 -10.97
C PHE A 531 -2.41 -4.11 -11.28
N ASP A 532 -1.81 -5.28 -11.09
CA ASP A 532 -2.51 -6.52 -11.37
C ASP A 532 -3.25 -6.97 -10.12
N GLU A 533 -4.57 -7.04 -10.23
CA GLU A 533 -5.45 -7.34 -9.10
C GLU A 533 -5.15 -8.66 -8.42
N HIS A 534 -4.87 -9.70 -9.21
CA HIS A 534 -4.65 -11.05 -8.69
C HIS A 534 -3.47 -11.09 -7.76
N SER A 535 -2.31 -10.63 -8.23
CA SER A 535 -1.10 -10.64 -7.38
C SER A 535 -1.30 -9.77 -6.15
N VAL A 536 -1.91 -8.61 -6.34
CA VAL A 536 -2.08 -7.65 -5.23
C VAL A 536 -2.97 -8.23 -4.13
N ARG A 537 -4.06 -8.90 -4.49
CA ARG A 537 -4.96 -9.50 -3.49
C ARG A 537 -4.30 -10.69 -2.78
N LEU A 538 -3.54 -11.47 -3.54
CA LEU A 538 -2.82 -12.59 -2.96
C LEU A 538 -1.75 -12.14 -1.99
N ALA A 539 -1.01 -11.09 -2.36
CA ALA A 539 0.06 -10.60 -1.51
C ALA A 539 -0.48 -10.00 -0.24
N ASP A 540 -1.56 -9.23 -0.35
CA ASP A 540 -2.16 -8.62 0.82
C ASP A 540 -2.74 -9.70 1.75
N ALA A 541 -3.33 -10.75 1.16
CA ALA A 541 -3.83 -11.88 1.96
C ALA A 541 -2.70 -12.59 2.74
N MET A 542 -1.59 -12.86 2.05
CA MET A 542 -0.45 -13.50 2.68
C MET A 542 0.13 -12.63 3.77
N MET A 543 0.25 -11.34 3.52
CA MET A 543 0.87 -10.47 4.51
C MET A 543 0.06 -10.46 5.81
N SER A 544 -1.24 -10.29 5.67
CA SER A 544 -2.10 -10.10 6.84
C SER A 544 -2.43 -11.45 7.53
N ALA A 545 -2.55 -12.52 6.77
CA ALA A 545 -2.59 -13.86 7.37
C ALA A 545 -1.31 -14.15 8.16
N SER A 546 -0.20 -13.57 7.76
CA SER A 546 1.09 -13.79 8.41
C SER A 546 1.33 -12.86 9.56
N GLY A 547 0.41 -11.91 9.77
CA GLY A 547 0.52 -10.94 10.87
C GLY A 547 1.08 -9.57 10.56
N ALA A 548 1.02 -9.12 9.30
CA ALA A 548 1.52 -7.78 8.94
C ALA A 548 0.55 -6.99 8.06
N THR A 549 0.78 -5.69 7.96
CA THR A 549 0.03 -4.85 7.03
C THR A 549 1.01 -4.25 6.01
N HIS A 550 0.45 -3.56 5.01
CA HIS A 550 1.18 -3.25 3.78
C HIS A 550 0.95 -1.77 3.45
N ILE A 551 2.00 -0.97 3.37
CA ILE A 551 1.85 0.43 2.96
C ILE A 551 1.80 0.46 1.43
N GLU A 552 0.63 0.77 0.89
CA GLU A 552 0.42 0.70 -0.55
C GLU A 552 -0.56 1.76 -1.10
N LEU A 553 -1.27 2.49 -0.25
CA LEU A 553 -2.29 3.43 -0.73
C LEU A 553 -2.01 4.82 -0.23
N GLY A 554 -2.29 5.81 -1.05
CA GLY A 554 -1.91 7.16 -0.71
C GLY A 554 -2.38 8.20 -1.68
N ASP A 555 -2.11 9.45 -1.32
CA ASP A 555 -2.52 10.61 -2.12
C ASP A 555 -4.00 10.49 -2.46
N ASP A 556 -4.39 10.77 -3.70
CA ASP A 556 -5.79 10.66 -4.08
C ASP A 556 -6.10 9.29 -4.66
N ASN A 557 -6.15 8.30 -3.77
CA ASN A 557 -6.53 6.93 -4.11
C ASN A 557 -5.56 6.32 -5.14
N GLN A 558 -4.27 6.56 -4.92
CA GLN A 558 -3.21 5.98 -5.76
C GLN A 558 -2.68 4.75 -5.06
N MET A 559 -2.08 3.85 -5.80
CA MET A 559 -1.38 2.72 -5.20
C MET A 559 0.10 2.84 -5.52
N LEU A 560 0.94 2.36 -4.61
CA LEU A 560 2.36 2.65 -4.61
C LEU A 560 3.14 1.71 -5.53
N PRO A 561 3.73 2.23 -6.64
CA PRO A 561 4.42 1.37 -7.60
C PRO A 561 5.93 1.27 -7.41
N HIS A 562 6.50 2.10 -6.53
CA HIS A 562 7.91 2.37 -6.57
C HIS A 562 8.36 3.00 -5.26
N GLU A 563 9.67 3.03 -4.96
CA GLU A 563 10.17 3.66 -3.74
C GLU A 563 10.07 5.20 -3.68
N TYR A 564 10.03 5.81 -4.86
CA TYR A 564 9.76 7.24 -5.00
C TYR A 564 8.24 7.38 -5.03
N TYR A 565 7.67 7.75 -3.89
CA TYR A 565 6.22 7.68 -3.70
C TYR A 565 5.38 8.47 -4.72
N PRO A 566 5.89 9.61 -5.22
CA PRO A 566 5.12 10.30 -6.26
C PRO A 566 5.04 9.56 -7.60
N ASN A 567 5.79 8.49 -7.77
CA ASN A 567 5.74 7.72 -9.01
C ASN A 567 4.33 7.21 -9.29
N ARG A 568 3.82 7.48 -10.50
CA ARG A 568 2.50 7.04 -10.94
C ARG A 568 2.59 6.21 -12.20
N SER A 569 3.60 5.33 -12.29
CA SER A 569 3.77 4.50 -13.49
C SER A 569 2.79 3.34 -13.53
N LYS A 570 2.04 3.15 -12.46
CA LYS A 570 0.89 2.24 -12.52
C LYS A 570 -0.27 2.84 -11.77
N THR A 571 -1.47 2.42 -12.17
CA THR A 571 -2.73 2.88 -11.59
C THR A 571 -3.62 1.68 -11.26
N MET A 572 -4.44 1.80 -10.21
CA MET A 572 -5.47 0.79 -9.88
C MET A 572 -6.67 1.04 -10.76
N ARG A 573 -7.28 -0.01 -11.28
CA ARG A 573 -8.56 0.10 -11.94
C ARG A 573 -9.65 -0.26 -10.92
N SER A 574 -10.89 0.07 -11.25
CA SER A 574 -12.00 0.01 -10.29
C SER A 574 -12.14 -1.36 -9.63
N SER A 575 -11.88 -2.41 -10.38
CA SER A 575 -12.01 -3.74 -9.85
C SER A 575 -11.03 -3.96 -8.70
N LEU A 576 -9.83 -3.42 -8.80
CA LEU A 576 -8.85 -3.57 -7.71
C LEU A 576 -9.21 -2.65 -6.54
N LYS A 577 -9.67 -1.43 -6.83
CA LYS A 577 -10.10 -0.52 -5.78
C LYS A 577 -11.17 -1.20 -4.92
N ASN A 578 -12.12 -1.84 -5.57
CA ASN A 578 -13.20 -2.48 -4.85
C ASN A 578 -12.73 -3.64 -3.99
N ALA A 579 -11.75 -4.40 -4.48
CA ALA A 579 -11.19 -5.51 -3.73
C ALA A 579 -10.37 -5.01 -2.54
N MET A 580 -9.75 -3.85 -2.69
CA MET A 580 -9.02 -3.25 -1.60
C MET A 580 -9.97 -2.70 -0.53
N LYS A 581 -11.13 -2.20 -0.91
CA LYS A 581 -12.12 -1.81 0.10
C LYS A 581 -12.51 -3.00 0.95
N ASP A 582 -12.82 -4.12 0.30
CA ASP A 582 -13.11 -5.37 1.04
C ASP A 582 -11.92 -5.82 1.88
N HIS A 583 -10.72 -5.79 1.30
CA HIS A 583 -9.55 -6.25 2.03
C HIS A 583 -9.33 -5.41 3.29
N TYR A 584 -9.40 -4.09 3.12
CA TYR A 584 -9.14 -3.21 4.25
C TYR A 584 -10.28 -3.18 5.27
N ASN A 585 -11.52 -3.36 4.83
CA ASN A 585 -12.58 -3.70 5.77
C ASN A 585 -12.23 -4.95 6.60
N PHE A 586 -11.70 -5.97 5.93
CA PHE A 586 -11.44 -7.25 6.57
C PHE A 586 -10.34 -7.16 7.62
N ILE A 587 -9.22 -6.51 7.27
CA ILE A 587 -8.10 -6.43 8.22
C ILE A 587 -8.38 -5.45 9.37
N THR A 588 -9.47 -4.70 9.25
CA THR A 588 -9.92 -3.86 10.35
C THR A 588 -10.88 -4.65 11.26
N ALA A 589 -11.93 -5.19 10.67
CA ALA A 589 -12.94 -5.89 11.46
C ALA A 589 -12.37 -7.11 12.19
N TYR A 590 -11.42 -7.79 11.56
CA TYR A 590 -10.84 -8.99 12.14
C TYR A 590 -9.41 -8.75 12.63
N GLU A 591 -9.09 -7.49 12.97
CA GLU A 591 -7.75 -7.15 13.40
C GLU A 591 -7.29 -7.96 14.62
N ASN A 592 -8.21 -8.36 15.47
CA ASN A 592 -7.84 -9.13 16.67
C ASN A 592 -7.34 -10.52 16.29
N LEU A 593 -8.03 -11.18 15.36
CA LEU A 593 -7.62 -12.54 14.95
C LEU A 593 -6.36 -12.53 14.11
N LEU A 594 -6.13 -11.45 13.37
CA LEU A 594 -4.99 -11.36 12.46
C LEU A 594 -3.71 -10.93 13.14
N PHE A 595 -3.81 -10.03 14.10
CA PHE A 595 -2.61 -9.37 14.63
C PHE A 595 -2.36 -9.57 16.13
N ASP A 596 -3.31 -10.18 16.84
CA ASP A 596 -3.09 -10.65 18.23
C ASP A 596 -2.66 -12.15 18.25
N SER A 597 -2.86 -12.85 17.14
CA SER A 597 -2.65 -14.29 17.08
C SER A 597 -1.19 -14.70 16.93
N ASP A 598 -0.92 -15.96 17.26
CA ASP A 598 0.39 -16.57 17.07
C ASP A 598 0.30 -17.86 16.29
N VAL A 599 1.40 -18.22 15.67
CA VAL A 599 1.44 -19.38 14.78
C VAL A 599 1.39 -20.65 15.64
N VAL A 600 0.66 -21.67 15.17
CA VAL A 600 0.53 -22.95 15.87
C VAL A 600 1.78 -23.79 15.59
N PRO A 601 2.48 -24.24 16.65
CA PRO A 601 3.78 -24.91 16.50
C PRO A 601 3.78 -26.24 15.74
N ASN A 602 4.56 -26.28 14.65
CA ASN A 602 5.08 -27.48 13.92
C ASN A 602 4.21 -28.72 13.56
N ASP A 603 3.23 -29.10 14.39
CA ASP A 603 2.34 -30.26 14.11
C ASP A 603 3.08 -31.62 14.09
N THR A 604 3.89 -31.89 15.13
CA THR A 604 4.68 -33.13 15.22
C THR A 604 3.91 -34.36 14.75
N GLY A 605 4.45 -35.04 13.73
CA GLY A 605 3.84 -36.22 13.14
C GLY A 605 3.07 -35.88 11.87
N SER A 606 1.76 -35.71 12.01
CA SER A 606 0.87 -35.39 10.89
C SER A 606 0.41 -33.93 10.99
N GLN A 607 0.06 -33.33 9.86
CA GLN A 607 -0.38 -31.91 9.83
C GLN A 607 -1.85 -31.83 10.25
N PHE A 608 -2.19 -30.75 10.95
CA PHE A 608 -3.53 -30.63 11.52
C PHE A 608 -4.63 -30.30 10.50
N VAL A 609 -4.26 -29.94 9.26
CA VAL A 609 -5.24 -29.51 8.25
C VAL A 609 -5.16 -30.37 6.99
N ASN A 610 -6.30 -30.89 6.52
CA ASN A 610 -6.35 -31.70 5.29
C ASN A 610 -7.46 -31.27 4.35
N LEU A 611 -7.17 -31.29 3.06
CA LEU A 611 -8.13 -30.90 2.05
C LEU A 611 -8.23 -31.96 0.97
N THR A 612 -9.45 -32.12 0.45
CA THR A 612 -9.78 -33.17 -0.48
C THR A 612 -10.01 -32.57 -1.87
N GLY A 613 -9.43 -33.19 -2.89
CA GLY A 613 -9.67 -32.79 -4.27
C GLY A 613 -8.74 -31.71 -4.79
N VAL A 614 -7.77 -31.29 -3.97
CA VAL A 614 -6.77 -30.27 -4.35
C VAL A 614 -5.44 -30.55 -3.66
N SER A 615 -4.36 -30.11 -4.29
CA SER A 615 -3.05 -30.17 -3.64
C SER A 615 -2.97 -29.07 -2.58
N ALA A 616 -2.45 -29.41 -1.42
CA ALA A 616 -2.38 -28.50 -0.30
C ALA A 616 -0.96 -28.47 0.23
N SER A 617 -0.54 -27.31 0.71
CA SER A 617 0.79 -27.15 1.31
C SER A 617 0.64 -26.33 2.59
N GLY A 618 1.60 -26.49 3.50
CA GLY A 618 1.67 -25.66 4.68
C GLY A 618 2.81 -24.67 4.61
N ASP A 619 3.46 -24.57 3.45
CA ASP A 619 4.65 -23.72 3.30
C ASP A 619 4.60 -22.84 2.04
N GLY A 620 3.39 -22.55 1.57
CA GLY A 620 3.20 -21.62 0.46
C GLY A 620 3.74 -22.09 -0.86
N SER A 621 3.60 -23.38 -1.15
CA SER A 621 4.10 -23.94 -2.40
C SER A 621 3.22 -23.53 -3.57
N ALA A 622 3.87 -23.34 -4.71
CA ALA A 622 3.18 -22.96 -5.93
C ALA A 622 2.11 -23.97 -6.25
N ASN A 623 1.07 -23.51 -6.94
CA ASN A 623 -0.03 -24.36 -7.34
C ASN A 623 -0.60 -25.25 -6.24
N THR A 624 -0.76 -24.69 -5.04
CA THR A 624 -1.47 -25.36 -3.96
C THR A 624 -2.43 -24.43 -3.24
N VAL A 625 -3.35 -25.00 -2.47
CA VAL A 625 -4.05 -24.25 -1.45
C VAL A 625 -3.14 -24.28 -0.22
N TRP A 626 -2.78 -23.10 0.25
CA TRP A 626 -1.84 -22.96 1.36
C TRP A 626 -2.62 -22.75 2.65
N TYR A 627 -2.36 -23.60 3.65
CA TYR A 627 -3.00 -23.45 4.95
C TYR A 627 -2.04 -22.90 5.98
N ILE A 628 -2.56 -22.01 6.83
CA ILE A 628 -1.80 -21.42 7.92
C ILE A 628 -2.66 -21.49 9.18
N ASN A 629 -2.12 -22.12 10.21
CA ASN A 629 -2.87 -22.41 11.43
C ASN A 629 -2.35 -21.50 12.52
N LYS A 630 -3.25 -20.72 13.11
CA LYS A 630 -2.85 -19.79 14.15
C LYS A 630 -3.86 -19.86 15.28
N ARG A 631 -3.46 -19.30 16.43
CA ARG A 631 -4.27 -19.28 17.63
C ARG A 631 -4.10 -17.99 18.41
N THR A 632 -5.21 -17.54 19.00
CA THR A 632 -5.21 -16.69 20.18
C THR A 632 -5.64 -17.60 21.31
N SER A 633 -5.72 -17.06 22.52
CA SER A 633 -6.23 -17.82 23.67
C SER A 633 -7.69 -18.27 23.48
N ASP A 634 -8.51 -17.43 22.86
CA ASP A 634 -9.94 -17.75 22.65
C ASP A 634 -10.26 -18.48 21.34
N TYR A 635 -9.38 -18.43 20.34
CA TYR A 635 -9.74 -18.98 19.03
C TYR A 635 -8.64 -19.80 18.37
N ASN A 636 -9.09 -20.74 17.54
CA ASN A 636 -8.23 -21.49 16.64
C ASN A 636 -8.56 -21.05 15.23
N ILE A 637 -7.55 -20.74 14.45
CA ILE A 637 -7.72 -20.07 13.16
C ILE A 637 -6.98 -20.82 12.07
N VAL A 638 -7.62 -21.00 10.93
CA VAL A 638 -6.99 -21.59 9.79
C VAL A 638 -7.23 -20.76 8.56
N HIS A 639 -6.15 -20.18 8.02
CA HIS A 639 -6.22 -19.43 6.78
C HIS A 639 -6.03 -20.37 5.60
N LEU A 640 -6.82 -20.18 4.56
CA LEU A 640 -6.59 -20.83 3.29
C LEU A 640 -6.30 -19.75 2.25
N ILE A 641 -5.11 -19.80 1.66
CA ILE A 641 -4.73 -18.87 0.61
C ILE A 641 -4.61 -19.65 -0.67
N ASN A 642 -5.34 -19.21 -1.69
CA ASN A 642 -5.41 -19.94 -2.94
C ASN A 642 -4.27 -19.65 -3.93
N LEU A 643 -3.20 -20.45 -3.83
CA LEU A 643 -2.12 -20.38 -4.82
C LEU A 643 -2.30 -21.31 -6.01
N LEU A 644 -3.49 -21.85 -6.23
CA LEU A 644 -3.69 -22.74 -7.37
C LEU A 644 -3.63 -21.93 -8.65
N GLY A 645 -2.80 -22.39 -9.60
CA GLY A 645 -2.62 -21.71 -10.88
C GLY A 645 -1.48 -20.71 -10.85
N ASN A 646 -0.81 -20.55 -9.72
CA ASN A 646 0.21 -19.52 -9.59
C ASN A 646 1.47 -19.99 -8.92
N ASP A 647 2.56 -19.25 -9.17
CA ASP A 647 3.86 -19.51 -8.55
C ASP A 647 3.88 -19.08 -7.08
N ASN A 648 5.02 -19.26 -6.42
CA ASN A 648 5.15 -18.95 -4.99
C ASN A 648 5.80 -17.57 -4.71
N GLN A 649 5.89 -16.73 -5.75
CA GLN A 649 6.52 -15.38 -5.64
C GLN A 649 5.45 -14.29 -5.39
N TRP A 650 5.68 -13.46 -4.37
CA TRP A 650 4.68 -12.42 -3.95
C TRP A 650 4.59 -11.17 -4.84
N ARG A 651 5.70 -10.75 -5.43
CA ARG A 651 5.75 -9.44 -6.11
C ARG A 651 5.21 -9.41 -7.53
N ASN A 652 5.43 -10.48 -8.29
CA ASN A 652 5.17 -10.46 -9.71
C ASN A 652 3.69 -10.56 -10.00
N THR A 653 3.32 -10.29 -11.25
CA THR A 653 1.93 -10.39 -11.65
C THR A 653 1.53 -11.86 -11.63
N ALA A 654 0.24 -12.10 -11.56
CA ALA A 654 -0.31 -13.44 -11.37
C ALA A 654 -1.57 -13.61 -12.18
N SER A 655 -1.98 -14.85 -12.37
CA SER A 655 -3.25 -15.14 -13.00
C SER A 655 -4.28 -15.19 -11.92
N GLN A 656 -5.54 -15.10 -12.32
CA GLN A 656 -6.63 -15.29 -11.38
C GLN A 656 -6.49 -16.66 -10.81
N PRO A 657 -6.56 -16.79 -9.47
CA PRO A 657 -6.50 -18.13 -8.89
C PRO A 657 -7.56 -19.05 -9.47
N SER A 658 -7.31 -20.36 -9.42
CA SER A 658 -8.31 -21.34 -9.84
C SER A 658 -9.34 -21.43 -8.73
N PHE A 659 -10.45 -20.74 -8.91
CA PHE A 659 -11.44 -20.64 -7.84
C PHE A 659 -12.03 -22.02 -7.57
N GLN A 660 -12.18 -22.33 -6.29
CA GLN A 660 -12.71 -23.61 -5.88
C GLN A 660 -14.14 -23.48 -5.31
N THR A 661 -14.95 -24.51 -5.56
CA THR A 661 -16.25 -24.68 -4.91
C THR A 661 -16.31 -26.04 -4.23
N ASN A 662 -16.97 -26.07 -3.08
CA ASN A 662 -17.28 -27.32 -2.36
C ASN A 662 -16.02 -28.09 -2.03
N LEU A 663 -15.15 -27.45 -1.27
CA LEU A 663 -13.84 -27.97 -0.93
C LEU A 663 -13.93 -28.65 0.42
N PRO A 664 -13.86 -30.00 0.45
CA PRO A 664 -13.94 -30.65 1.75
C PRO A 664 -12.71 -30.39 2.61
N ALA A 665 -12.93 -30.13 3.88
CA ALA A 665 -11.84 -29.82 4.78
C ALA A 665 -12.03 -30.61 6.05
N LYS A 666 -10.91 -31.02 6.63
CA LYS A 666 -10.92 -31.69 7.91
C LYS A 666 -9.81 -31.05 8.73
N ILE A 667 -10.17 -30.55 9.91
CA ILE A 667 -9.20 -29.92 10.79
C ILE A 667 -9.16 -30.69 12.09
N TYR A 668 -7.95 -31.01 12.55
CA TYR A 668 -7.77 -31.62 13.84
C TYR A 668 -7.65 -30.55 14.93
N ILE A 669 -8.23 -30.85 16.08
CA ILE A 669 -8.27 -29.97 17.25
C ILE A 669 -7.62 -30.66 18.43
N GLY A 670 -7.36 -29.93 19.51
CA GLY A 670 -6.88 -30.54 20.74
C GLY A 670 -7.89 -31.55 21.24
N ALA A 671 -7.43 -32.72 21.69
CA ALA A 671 -8.35 -33.77 22.17
C ALA A 671 -9.08 -33.38 23.45
N ASP A 672 -8.55 -32.35 24.13
CA ASP A 672 -9.18 -31.76 25.31
C ASP A 672 -9.82 -30.41 24.94
N GLU A 673 -10.81 -30.45 24.04
CA GLU A 673 -11.38 -29.25 23.40
C GLU A 673 -12.62 -29.62 22.58
N THR A 674 -13.64 -28.76 22.59
CA THR A 674 -14.92 -29.10 21.95
C THR A 674 -15.52 -27.94 21.12
N ILE A 675 -15.99 -28.26 19.92
CA ILE A 675 -16.35 -27.24 18.95
C ILE A 675 -17.85 -27.08 18.77
N SER A 676 -18.38 -25.96 19.27
CA SER A 676 -19.81 -25.64 19.15
C SER A 676 -20.18 -25.15 17.76
N ASP A 677 -19.27 -24.40 17.13
CA ASP A 677 -19.51 -23.77 15.81
C ASP A 677 -18.24 -23.64 14.95
N VAL A 678 -18.44 -23.64 13.64
CA VAL A 678 -17.37 -23.35 12.68
C VAL A 678 -17.72 -22.12 11.85
N TYR A 679 -16.82 -21.13 11.90
CA TYR A 679 -17.00 -19.83 11.25
C TYR A 679 -15.98 -19.61 10.12
N LEU A 680 -16.45 -19.02 9.04
CA LEU A 680 -15.59 -18.65 7.93
C LEU A 680 -15.83 -17.18 7.53
N ALA A 681 -14.74 -16.45 7.34
CA ALA A 681 -14.84 -15.10 6.83
C ALA A 681 -13.79 -14.90 5.76
N SER A 682 -14.20 -14.24 4.68
CA SER A 682 -13.32 -13.91 3.58
C SER A 682 -13.62 -12.53 3.03
N PRO A 683 -12.57 -11.74 2.73
CA PRO A 683 -12.85 -10.48 2.04
C PRO A 683 -13.49 -10.71 0.68
N ASP A 684 -13.27 -11.89 0.10
CA ASP A 684 -13.79 -12.22 -1.22
C ASP A 684 -15.29 -12.49 -1.24
N LEU A 685 -15.86 -12.78 -0.09
CA LEU A 685 -17.20 -13.36 -0.05
C LEU A 685 -18.07 -12.61 0.95
N SER A 686 -19.22 -12.13 0.47
CA SER A 686 -20.21 -11.47 1.31
C SER A 686 -19.59 -10.28 2.03
N GLY A 687 -18.69 -9.59 1.33
CA GLY A 687 -17.96 -8.45 1.92
C GLY A 687 -17.21 -8.67 3.22
N GLY A 688 -16.91 -9.93 3.58
CA GLY A 688 -16.16 -10.22 4.83
C GLY A 688 -17.03 -10.67 5.99
N GLU A 689 -18.33 -10.67 5.80
CA GLU A 689 -19.25 -11.04 6.87
C GLU A 689 -18.93 -12.47 7.30
N THR A 690 -18.89 -12.69 8.61
CA THR A 690 -18.64 -14.03 9.11
C THR A 690 -19.83 -14.95 8.79
N GLN A 691 -19.50 -16.11 8.23
CA GLN A 691 -20.47 -17.12 7.81
C GLN A 691 -20.43 -18.31 8.78
N GLU A 692 -21.59 -18.75 9.25
CA GLU A 692 -21.70 -19.96 10.09
C GLU A 692 -21.85 -21.20 9.21
N LEU A 693 -20.89 -22.10 9.29
CA LEU A 693 -20.85 -23.29 8.42
C LEU A 693 -21.39 -24.54 9.11
N ALA A 694 -22.22 -25.28 8.39
CA ALA A 694 -22.62 -26.63 8.83
C ALA A 694 -21.36 -27.51 8.90
N PHE A 695 -21.26 -28.28 9.97
CA PHE A 695 -20.10 -29.15 10.15
C PHE A 695 -20.44 -30.41 10.93
N THR A 696 -19.54 -31.38 10.85
CA THR A 696 -19.60 -32.57 11.70
C THR A 696 -18.28 -32.70 12.45
N SER A 697 -18.31 -33.35 13.61
CA SER A 697 -17.09 -33.66 14.34
C SER A 697 -16.97 -35.16 14.49
N GLY A 698 -15.87 -35.60 15.07
CA GLY A 698 -15.64 -37.02 15.31
C GLY A 698 -14.24 -37.24 15.82
N THR A 699 -13.86 -38.51 15.98
CA THR A 699 -12.50 -38.88 16.38
C THR A 699 -11.93 -39.93 15.41
N ASP A 700 -10.63 -39.80 15.16
CA ASP A 700 -9.92 -40.57 14.15
C ASP A 700 -8.67 -41.12 14.80
N ALA A 701 -7.79 -41.71 14.01
CA ALA A 701 -6.46 -42.08 14.48
C ALA A 701 -5.64 -40.84 14.85
N GLY A 702 -5.87 -39.75 14.12
CA GLY A 702 -5.16 -38.49 14.34
C GLY A 702 -5.59 -37.72 15.58
N GLY A 703 -6.77 -38.06 16.12
CA GLY A 703 -7.32 -37.37 17.29
C GLY A 703 -8.69 -36.76 17.01
N LYS A 704 -9.06 -35.76 17.81
CA LYS A 704 -10.33 -35.06 17.64
C LYS A 704 -10.25 -34.12 16.45
N TYR A 705 -11.32 -34.09 15.65
CA TYR A 705 -11.39 -33.23 14.48
C TYR A 705 -12.77 -32.65 14.23
N VAL A 706 -12.81 -31.66 13.35
CA VAL A 706 -14.06 -31.24 12.72
C VAL A 706 -13.94 -31.37 11.22
N SER A 707 -15.08 -31.52 10.58
CA SER A 707 -15.12 -31.71 9.15
C SER A 707 -16.26 -30.87 8.55
N PHE A 708 -15.98 -30.22 7.43
CA PHE A 708 -16.96 -29.36 6.79
C PHE A 708 -16.57 -29.13 5.35
N THR A 709 -17.54 -28.73 4.54
CA THR A 709 -17.27 -28.31 3.19
C THR A 709 -17.09 -26.78 3.19
N VAL A 710 -16.01 -26.33 2.56
CA VAL A 710 -15.75 -24.92 2.32
C VAL A 710 -16.54 -24.58 1.05
N PRO A 711 -17.59 -23.77 1.16
CA PRO A 711 -18.40 -23.54 -0.03
C PRO A 711 -17.66 -22.91 -1.18
N GLU A 712 -16.79 -21.92 -0.89
CA GLU A 712 -16.02 -21.24 -1.91
C GLU A 712 -14.65 -20.82 -1.40
N LEU A 713 -13.65 -20.92 -2.25
CA LEU A 713 -12.34 -20.33 -1.98
C LEU A 713 -11.91 -19.64 -3.26
N LYS A 714 -11.73 -18.33 -3.18
CA LYS A 714 -11.30 -17.58 -4.33
C LYS A 714 -9.82 -17.18 -4.16
N TYR A 715 -9.57 -16.24 -3.23
CA TYR A 715 -8.21 -15.83 -2.85
C TYR A 715 -7.85 -16.25 -1.41
N TRP A 716 -8.73 -15.97 -0.46
CA TRP A 716 -8.36 -16.05 0.96
C TRP A 716 -9.58 -16.22 1.84
N ASN A 717 -9.60 -17.33 2.58
CA ASN A 717 -10.65 -17.60 3.56
C ASN A 717 -9.98 -17.71 4.90
N MET A 718 -10.60 -17.15 5.92
CA MET A 718 -10.15 -17.31 7.28
C MET A 718 -11.20 -18.11 8.02
N ILE A 719 -10.86 -19.36 8.35
CA ILE A 719 -11.73 -20.19 9.17
C ILE A 719 -11.38 -19.99 10.63
N TYR A 720 -12.38 -19.85 11.48
CA TYR A 720 -12.11 -19.78 12.91
C TYR A 720 -13.18 -20.45 13.76
N MET A 721 -12.78 -20.81 14.97
CA MET A 721 -13.64 -21.57 15.87
C MET A 721 -13.10 -21.49 17.30
CD CD B . 3.55 -14.68 -8.04
CD CD C . -9.85 20.77 10.73
CD CD D . 14.17 2.63 0.26
CD CD E . 7.12 -3.86 -30.28
CD CD F . -3.48 -10.97 -13.62
CD CD G . -6.60 21.52 -7.62
CD CD H . 16.65 0.21 23.11
CD CD I . -1.55 15.67 -8.36
CD CD J . 14.71 1.61 -8.20
CD CD K . 43.12 14.70 8.61
CA CA L . 31.07 9.25 -3.81
CA CA M . 12.54 9.98 -39.11
NA NA N . 4.08 8.83 24.19
NA NA O . -17.80 0.60 2.68
C ACT P . -12.66 21.10 11.61
O ACT P . -11.87 20.51 12.38
OXT ACT P . -12.24 21.64 10.58
CH3 ACT P . -14.13 21.21 11.94
C ACT Q . -11.32 -10.90 21.56
O ACT Q . -10.63 -10.02 21.03
OXT ACT Q . -12.58 -10.85 21.57
CH3 ACT Q . -10.62 -12.05 22.22
C1 GOL R . 18.94 3.77 -33.49
O1 GOL R . 17.58 4.02 -33.86
C2 GOL R . 19.40 2.40 -34.00
O2 GOL R . 18.63 1.34 -33.41
C3 GOL R . 20.87 2.15 -33.69
O3 GOL R . 21.13 0.76 -33.93
C1 GOL S . 14.30 10.83 -2.35
O1 GOL S . 12.94 10.87 -2.78
C2 GOL S . 14.32 10.79 -0.83
O2 GOL S . 14.28 12.12 -0.33
C3 GOL S . 15.59 10.09 -0.36
O3 GOL S . 15.71 10.21 1.07
#